data_6NKO
#
_entry.id   6NKO
#
_cell.length_a   57.218
_cell.length_b   111.401
_cell.length_c   163.396
_cell.angle_alpha   90.00
_cell.angle_beta   90.00
_cell.angle_gamma   90.00
#
_symmetry.space_group_name_H-M   'P 2 21 21'
#
loop_
_entity.id
_entity.type
_entity.pdbx_description
1 polymer ForH
2 water water
#
_entity_poly.entity_id   1
_entity_poly.type   'polypeptide(L)'
_entity_poly.pdbx_seq_one_letter_code
;MGSSHHHHHHSSGLVPRGSHMLAVLAVSDKRNIEPLAAGLLRLGWRVAATEGTYRLLRDAGHEVERIADLAGVPTLLGGR
VKTLTVSVMGGILARETESDLREMAEYGIPRIDLVCNNYYLLPEPQPGLDPAGFREKVDVGGPAMLRGAAKNFEHVIPLS
DPDDYDDVLKLLEQGGGLPSAVPVERRLALAEKAFRISGAYDASVAELFGASGSRS
;
_entity_poly.pdbx_strand_id   A,B,C,D
#
# COMPACT_ATOMS: atom_id res chain seq x y z
N HIS A 20 3.45 -0.55 -17.41
CA HIS A 20 2.05 -0.54 -17.83
C HIS A 20 1.22 -1.72 -17.26
N MET A 21 1.73 -2.97 -17.27
CA MET A 21 0.86 -4.13 -17.01
C MET A 21 1.43 -5.16 -16.04
N LEU A 22 0.50 -5.92 -15.45
CA LEU A 22 0.77 -6.88 -14.37
C LEU A 22 -0.28 -7.98 -14.33
N ALA A 23 0.18 -9.24 -14.29
CA ALA A 23 -0.67 -10.42 -14.13
C ALA A 23 -0.28 -11.18 -12.88
N VAL A 24 -1.26 -11.82 -12.24
CA VAL A 24 -1.06 -12.65 -11.06
C VAL A 24 -1.48 -14.07 -11.41
N LEU A 25 -0.53 -15.02 -11.32
CA LEU A 25 -0.77 -16.41 -11.68
C LEU A 25 -0.79 -17.24 -10.40
N ALA A 26 -1.99 -17.68 -9.99
CA ALA A 26 -2.17 -18.46 -8.76
C ALA A 26 -2.95 -19.73 -9.11
N VAL A 27 -2.31 -20.63 -9.85
CA VAL A 27 -2.97 -21.83 -10.37
C VAL A 27 -2.41 -23.06 -9.68
N SER A 28 -3.30 -24.01 -9.40
CA SER A 28 -2.90 -25.33 -8.93
C SER A 28 -2.81 -26.33 -10.09
N ASP A 29 -3.72 -26.22 -11.05
CA ASP A 29 -3.62 -26.96 -12.30
C ASP A 29 -2.69 -26.18 -13.22
N LYS A 30 -1.51 -26.74 -13.48
CA LYS A 30 -0.45 -26.03 -14.20
C LYS A 30 -0.58 -26.16 -15.72
N ARG A 31 -1.62 -26.80 -16.23
CA ARG A 31 -1.73 -27.02 -17.66
C ARG A 31 -1.85 -25.68 -18.39
N ASN A 32 -1.01 -25.49 -19.42
CA ASN A 32 -0.95 -24.30 -20.27
C ASN A 32 -0.45 -23.06 -19.55
N ILE A 33 0.07 -23.18 -18.33
CA ILE A 33 0.47 -21.99 -17.59
C ILE A 33 1.75 -21.39 -18.16
N GLU A 34 2.61 -22.22 -18.76
CA GLU A 34 3.88 -21.71 -19.28
C GLU A 34 3.71 -20.93 -20.58
N PRO A 35 2.92 -21.40 -21.56
CA PRO A 35 2.71 -20.56 -22.75
C PRO A 35 2.02 -19.24 -22.44
N LEU A 36 1.26 -19.18 -21.35
CA LEU A 36 0.62 -17.92 -20.97
C LEU A 36 1.61 -16.99 -20.29
N ALA A 37 2.33 -17.50 -19.28
CA ALA A 37 3.32 -16.68 -18.58
C ALA A 37 4.39 -16.18 -19.55
N ALA A 38 4.90 -17.06 -20.40
CA ALA A 38 5.90 -16.65 -21.38
C ALA A 38 5.31 -15.66 -22.38
N GLY A 39 4.09 -15.94 -22.86
CA GLY A 39 3.48 -15.04 -23.82
C GLY A 39 3.26 -13.64 -23.27
N LEU A 40 2.93 -13.55 -21.98
CA LEU A 40 2.74 -12.24 -21.37
C LEU A 40 4.08 -11.53 -21.16
N LEU A 41 5.13 -12.28 -20.82
CA LEU A 41 6.43 -11.67 -20.58
C LEU A 41 7.01 -11.08 -21.87
N ARG A 42 6.82 -11.76 -23.01
CA ARG A 42 7.28 -11.21 -24.28
C ARG A 42 6.52 -9.96 -24.67
N LEU A 43 5.29 -9.79 -24.17
CA LEU A 43 4.51 -8.59 -24.42
C LEU A 43 4.88 -7.43 -23.48
N GLY A 44 5.87 -7.62 -22.62
CA GLY A 44 6.27 -6.59 -21.68
C GLY A 44 5.53 -6.60 -20.36
N TRP A 45 4.57 -7.50 -20.19
CA TRP A 45 3.83 -7.59 -18.94
C TRP A 45 4.76 -7.98 -17.80
N ARG A 46 4.37 -7.59 -16.59
CA ARG A 46 4.97 -8.15 -15.38
C ARG A 46 4.12 -9.33 -14.95
N VAL A 47 4.77 -10.46 -14.67
CA VAL A 47 4.08 -11.70 -14.33
C VAL A 47 4.51 -12.10 -12.93
N ALA A 48 3.55 -12.17 -12.01
CA ALA A 48 3.80 -12.55 -10.63
C ALA A 48 2.99 -13.80 -10.31
N ALA A 49 3.57 -14.70 -9.51
CA ALA A 49 2.99 -16.01 -9.28
C ALA A 49 3.04 -16.39 -7.82
N THR A 50 2.11 -17.25 -7.41
CA THR A 50 2.14 -17.84 -6.09
C THR A 50 3.20 -18.95 -6.05
N GLU A 51 3.22 -19.67 -4.93
CA GLU A 51 4.37 -20.51 -4.60
C GLU A 51 4.60 -21.60 -5.65
N GLY A 52 3.55 -22.33 -6.02
CA GLY A 52 3.73 -23.46 -6.92
C GLY A 52 4.12 -23.03 -8.32
N THR A 53 3.34 -22.10 -8.90
CA THR A 53 3.62 -21.62 -10.25
C THR A 53 4.98 -20.97 -10.36
N TYR A 54 5.44 -20.31 -9.28
CA TYR A 54 6.68 -19.55 -9.35
C TYR A 54 7.88 -20.47 -9.58
N ARG A 55 8.00 -21.53 -8.77
CA ARG A 55 9.16 -22.41 -8.88
C ARG A 55 9.20 -23.10 -10.23
N LEU A 56 8.03 -23.46 -10.77
CA LEU A 56 7.99 -24.11 -12.08
C LEU A 56 8.41 -23.16 -13.19
N LEU A 57 7.92 -21.91 -13.15
CA LEU A 57 8.24 -20.97 -14.21
C LEU A 57 9.67 -20.49 -14.14
N ARG A 58 10.22 -20.32 -12.94
CA ARG A 58 11.59 -19.85 -12.81
C ARG A 58 12.59 -20.94 -13.18
N ASP A 59 12.30 -22.19 -12.83
CA ASP A 59 13.16 -23.29 -13.29
C ASP A 59 13.15 -23.41 -14.80
N ALA A 60 12.05 -23.01 -15.44
CA ALA A 60 11.97 -22.96 -16.90
C ALA A 60 12.60 -21.69 -17.47
N GLY A 61 13.16 -20.83 -16.63
CA GLY A 61 13.87 -19.67 -17.12
C GLY A 61 13.03 -18.47 -17.51
N HIS A 62 11.91 -18.25 -16.82
CA HIS A 62 11.07 -17.10 -17.07
C HIS A 62 11.19 -16.13 -15.91
N GLU A 63 11.23 -14.84 -16.24
CA GLU A 63 11.46 -13.78 -15.25
C GLU A 63 10.15 -13.43 -14.53
N VAL A 64 9.59 -14.43 -13.88
CA VAL A 64 8.38 -14.24 -13.10
C VAL A 64 8.75 -13.77 -11.71
N GLU A 65 7.89 -12.95 -11.13
CA GLU A 65 8.13 -12.39 -9.81
C GLU A 65 7.33 -13.16 -8.78
N ARG A 66 7.81 -13.14 -7.55
CA ARG A 66 7.12 -13.83 -6.45
C ARG A 66 6.01 -12.95 -5.91
N ILE A 67 4.76 -13.43 -6.02
CA ILE A 67 3.62 -12.69 -5.50
C ILE A 67 3.71 -12.53 -3.99
N ALA A 68 4.52 -13.34 -3.31
CA ALA A 68 4.70 -13.18 -1.88
C ALA A 68 5.46 -11.90 -1.56
N ASP A 69 6.75 -11.85 -1.92
CA ASP A 69 7.54 -10.66 -1.67
C ASP A 69 6.92 -9.42 -2.31
N LEU A 70 6.32 -9.60 -3.48
CA LEU A 70 5.71 -8.50 -4.24
C LEU A 70 4.29 -8.30 -3.72
N ALA A 71 4.05 -7.18 -3.04
CA ALA A 71 2.69 -6.76 -2.66
C ALA A 71 2.01 -7.78 -1.77
N GLY A 72 2.77 -8.73 -1.25
CA GLY A 72 2.18 -9.77 -0.46
C GLY A 72 2.84 -9.83 0.89
N VAL A 73 2.69 -10.96 1.56
CA VAL A 73 3.01 -11.05 2.96
C VAL A 73 3.62 -12.44 3.17
N PRO A 74 4.94 -12.61 2.80
CA PRO A 74 5.54 -13.96 2.73
C PRO A 74 5.99 -14.44 4.09
N THR A 75 5.96 -15.75 4.33
CA THR A 75 6.37 -16.45 5.55
C THR A 75 5.48 -16.10 6.75
N LEU A 76 4.51 -15.19 6.63
CA LEU A 76 3.81 -14.71 7.83
C LEU A 76 3.09 -15.84 8.55
N LEU A 77 2.22 -16.56 7.86
CA LEU A 77 1.48 -17.67 8.45
C LEU A 77 1.63 -18.88 7.53
N GLY A 78 2.88 -19.22 7.20
CA GLY A 78 3.15 -20.16 6.13
C GLY A 78 2.70 -19.68 4.77
N GLY A 79 2.48 -18.38 4.62
CA GLY A 79 2.03 -17.83 3.36
C GLY A 79 0.53 -17.86 3.15
N ARG A 80 -0.25 -18.06 4.21
CA ARG A 80 -1.70 -18.19 4.07
C ARG A 80 -2.42 -16.87 3.87
N VAL A 81 -1.72 -15.74 4.00
CA VAL A 81 -2.30 -14.43 3.76
C VAL A 81 -1.54 -13.68 2.66
N LYS A 82 -0.70 -14.40 1.90
CA LYS A 82 0.26 -13.76 1.01
C LYS A 82 -0.39 -12.95 -0.10
N THR A 83 -1.64 -13.22 -0.47
CA THR A 83 -2.36 -12.39 -1.41
C THR A 83 -3.45 -11.56 -0.74
N LEU A 84 -3.58 -11.66 0.57
CA LEU A 84 -4.60 -10.92 1.31
C LEU A 84 -3.98 -9.66 1.91
N THR A 85 -3.64 -8.73 1.03
CA THR A 85 -3.08 -7.44 1.38
C THR A 85 -3.82 -6.36 0.61
N VAL A 86 -3.64 -5.12 1.04
CA VAL A 86 -4.26 -3.99 0.36
C VAL A 86 -3.71 -3.87 -1.06
N SER A 87 -2.42 -4.14 -1.26
CA SER A 87 -1.81 -3.96 -2.57
C SER A 87 -2.36 -4.94 -3.59
N VAL A 88 -2.50 -6.21 -3.23
CA VAL A 88 -3.00 -7.20 -4.17
C VAL A 88 -4.51 -7.06 -4.37
N MET A 89 -5.26 -7.08 -3.27
CA MET A 89 -6.72 -7.02 -3.37
C MET A 89 -7.19 -5.63 -3.82
N GLY A 90 -6.46 -4.58 -3.44
CA GLY A 90 -6.79 -3.26 -3.96
C GLY A 90 -6.51 -3.14 -5.44
N GLY A 91 -5.42 -3.76 -5.91
CA GLY A 91 -5.12 -3.75 -7.33
C GLY A 91 -6.16 -4.45 -8.18
N ILE A 92 -6.98 -5.30 -7.57
CA ILE A 92 -8.04 -6.01 -8.29
C ILE A 92 -9.39 -5.31 -8.16
N LEU A 93 -9.70 -4.79 -6.98
CA LEU A 93 -11.04 -4.30 -6.70
C LEU A 93 -11.21 -2.79 -6.93
N ALA A 94 -10.12 -2.03 -7.00
CA ALA A 94 -10.22 -0.59 -7.11
C ALA A 94 -10.92 -0.18 -8.40
N ARG A 95 -11.83 0.80 -8.29
CA ARG A 95 -12.59 1.29 -9.43
C ARG A 95 -11.77 2.32 -10.19
N GLU A 96 -12.40 2.96 -11.17
CA GLU A 96 -11.80 4.09 -11.87
C GLU A 96 -12.32 5.43 -11.36
N THR A 97 -12.91 5.46 -10.16
CA THR A 97 -13.36 6.70 -9.56
C THR A 97 -12.15 7.59 -9.23
N GLU A 98 -12.42 8.88 -9.05
CA GLU A 98 -11.38 9.80 -8.62
C GLU A 98 -10.82 9.39 -7.26
N SER A 99 -11.71 8.95 -6.36
CA SER A 99 -11.28 8.57 -5.02
C SER A 99 -10.39 7.34 -5.02
N ASP A 100 -10.72 6.35 -5.86
CA ASP A 100 -9.91 5.13 -5.92
C ASP A 100 -8.59 5.39 -6.63
N LEU A 101 -8.61 6.16 -7.72
CA LEU A 101 -7.37 6.51 -8.41
C LEU A 101 -6.43 7.27 -7.48
N ARG A 102 -6.97 8.22 -6.71
CA ARG A 102 -6.15 8.96 -5.76
C ARG A 102 -5.50 8.03 -4.76
N GLU A 103 -6.28 7.12 -4.16
CA GLU A 103 -5.76 6.26 -3.12
C GLU A 103 -4.77 5.23 -3.66
N MET A 104 -4.99 4.75 -4.89
CA MET A 104 -3.99 3.90 -5.53
C MET A 104 -2.67 4.64 -5.70
N ALA A 105 -2.75 5.93 -6.07
CA ALA A 105 -1.54 6.72 -6.24
C ALA A 105 -0.87 7.02 -4.91
N GLU A 106 -1.65 7.41 -3.89
CA GLU A 106 -1.08 7.74 -2.59
C GLU A 106 -0.28 6.57 -2.04
N TYR A 107 -0.87 5.37 -2.04
CA TYR A 107 -0.23 4.21 -1.45
C TYR A 107 0.68 3.46 -2.42
N GLY A 108 0.67 3.83 -3.70
CA GLY A 108 1.53 3.20 -4.67
C GLY A 108 1.10 1.80 -5.05
N ILE A 109 -0.18 1.63 -5.37
CA ILE A 109 -0.75 0.32 -5.66
C ILE A 109 -0.97 0.24 -7.17
N PRO A 110 -0.22 -0.60 -7.89
CA PRO A 110 -0.48 -0.78 -9.32
C PRO A 110 -1.73 -1.62 -9.56
N ARG A 111 -2.31 -1.42 -10.73
CA ARG A 111 -3.46 -2.22 -11.14
C ARG A 111 -3.02 -3.61 -11.55
N ILE A 112 -3.78 -4.62 -11.13
CA ILE A 112 -3.60 -5.99 -11.58
C ILE A 112 -4.56 -6.21 -12.74
N ASP A 113 -4.01 -6.40 -13.94
CA ASP A 113 -4.82 -6.50 -15.15
C ASP A 113 -5.32 -7.90 -15.43
N LEU A 114 -4.73 -8.93 -14.84
CA LEU A 114 -5.11 -10.30 -15.13
C LEU A 114 -4.92 -11.16 -13.89
N VAL A 115 -5.92 -11.97 -13.59
CA VAL A 115 -5.88 -12.91 -12.47
C VAL A 115 -6.12 -14.31 -13.03
N CYS A 116 -5.25 -15.24 -12.67
CA CYS A 116 -5.35 -16.64 -13.05
C CYS A 116 -5.37 -17.49 -11.79
N ASN A 117 -6.45 -18.25 -11.59
CA ASN A 117 -6.63 -18.99 -10.35
C ASN A 117 -7.26 -20.36 -10.63
N ASN A 118 -6.59 -21.41 -10.16
CA ASN A 118 -6.99 -22.80 -10.36
C ASN A 118 -7.05 -23.50 -9.01
N TYR A 119 -7.77 -24.62 -8.97
CA TYR A 119 -7.90 -25.40 -7.74
C TYR A 119 -7.38 -26.82 -7.91
N TYR A 120 -6.87 -27.37 -6.82
CA TYR A 120 -6.42 -28.76 -6.80
C TYR A 120 -7.60 -29.71 -6.95
N LEU A 121 -7.29 -30.94 -7.35
CA LEU A 121 -8.33 -31.96 -7.48
C LEU A 121 -8.83 -32.38 -6.12
N LEU A 122 -10.16 -32.46 -5.98
CA LEU A 122 -10.68 -32.88 -4.68
C LEU A 122 -11.11 -34.34 -4.72
N PRO A 123 -10.98 -35.05 -3.60
CA PRO A 123 -11.40 -36.46 -3.56
C PRO A 123 -12.92 -36.61 -3.56
N GLU A 124 -13.39 -37.86 -3.57
CA GLU A 124 -14.83 -38.11 -3.63
C GLU A 124 -15.44 -38.10 -2.24
N PRO A 125 -16.72 -37.76 -2.13
CA PRO A 125 -17.42 -37.79 -0.83
C PRO A 125 -17.74 -39.23 -0.42
N GLN A 126 -16.97 -39.75 0.52
CA GLN A 126 -17.22 -41.07 1.08
C GLN A 126 -17.59 -40.94 2.55
N PRO A 127 -18.47 -41.82 3.06
CA PRO A 127 -18.87 -41.73 4.47
C PRO A 127 -17.68 -41.85 5.40
N GLY A 128 -17.64 -41.01 6.43
CA GLY A 128 -16.51 -40.98 7.33
C GLY A 128 -15.27 -40.37 6.73
N LEU A 129 -15.43 -39.49 5.75
CA LEU A 129 -14.30 -38.90 5.06
C LEU A 129 -13.41 -38.11 6.01
N ASP A 130 -12.13 -38.46 6.06
CA ASP A 130 -11.16 -37.72 6.87
C ASP A 130 -10.94 -36.35 6.27
N PRO A 131 -11.16 -35.26 7.01
CA PRO A 131 -10.95 -33.92 6.45
C PRO A 131 -9.53 -33.67 5.95
N ALA A 132 -8.54 -34.43 6.41
CA ALA A 132 -7.17 -34.21 5.98
C ALA A 132 -6.98 -34.43 4.48
N GLY A 133 -7.85 -35.22 3.85
CA GLY A 133 -7.72 -35.53 2.45
C GLY A 133 -8.16 -34.46 1.47
N PHE A 134 -8.60 -33.30 1.95
CA PHE A 134 -9.10 -32.27 1.03
C PHE A 134 -8.97 -30.86 1.59
N ARG A 135 -8.94 -30.74 2.92
CA ARG A 135 -9.19 -29.43 3.54
C ARG A 135 -8.08 -28.44 3.23
N GLU A 136 -6.82 -28.80 3.49
CA GLU A 136 -5.76 -27.82 3.27
C GLU A 136 -5.50 -27.55 1.80
N LYS A 137 -6.06 -28.37 0.90
CA LYS A 137 -6.05 -28.05 -0.52
C LYS A 137 -7.06 -26.96 -0.89
N VAL A 138 -7.96 -26.61 0.03
CA VAL A 138 -8.96 -25.58 -0.25
C VAL A 138 -8.29 -24.22 -0.30
N ASP A 139 -8.54 -23.48 -1.37
CA ASP A 139 -7.96 -22.16 -1.58
C ASP A 139 -8.90 -21.10 -1.01
N VAL A 140 -8.34 -20.16 -0.25
CA VAL A 140 -9.07 -19.05 0.32
C VAL A 140 -8.76 -17.74 -0.40
N GLY A 141 -7.47 -17.39 -0.48
CA GLY A 141 -7.09 -16.14 -1.11
C GLY A 141 -7.24 -16.18 -2.63
N GLY A 142 -7.11 -17.36 -3.23
CA GLY A 142 -7.24 -17.52 -4.65
C GLY A 142 -8.59 -17.08 -5.19
N PRO A 143 -9.65 -17.77 -4.77
CA PRO A 143 -11.00 -17.35 -5.20
C PRO A 143 -11.35 -15.92 -4.83
N ALA A 144 -10.75 -15.38 -3.76
CA ALA A 144 -10.95 -13.97 -3.47
C ALA A 144 -10.43 -13.09 -4.60
N MET A 145 -9.26 -13.45 -5.15
CA MET A 145 -8.72 -12.71 -6.29
C MET A 145 -9.57 -12.94 -7.55
N LEU A 146 -10.02 -14.18 -7.75
CA LEU A 146 -10.74 -14.51 -8.99
C LEU A 146 -12.16 -13.94 -8.97
N ARG A 147 -12.87 -14.08 -7.85
CA ARG A 147 -14.19 -13.47 -7.74
C ARG A 147 -14.10 -11.95 -7.78
N GLY A 148 -13.03 -11.38 -7.22
CA GLY A 148 -12.85 -9.94 -7.31
C GLY A 148 -12.54 -9.49 -8.73
N ALA A 149 -11.73 -10.27 -9.46
CA ALA A 149 -11.45 -9.95 -10.85
C ALA A 149 -12.70 -10.07 -11.71
N ALA A 150 -13.50 -11.12 -11.49
CA ALA A 150 -14.72 -11.29 -12.26
C ALA A 150 -15.72 -10.17 -11.97
N LYS A 151 -15.85 -9.77 -10.71
CA LYS A 151 -16.73 -8.65 -10.39
C LYS A 151 -16.26 -7.37 -11.05
N ASN A 152 -14.95 -7.19 -11.17
CA ASN A 152 -14.36 -6.00 -11.77
C ASN A 152 -13.81 -6.33 -13.16
N PHE A 153 -14.61 -7.01 -13.98
CA PHE A 153 -14.08 -7.57 -15.23
C PHE A 153 -13.73 -6.51 -16.27
N GLU A 154 -14.27 -5.29 -16.14
CA GLU A 154 -13.89 -4.24 -17.07
C GLU A 154 -12.43 -3.84 -16.93
N HIS A 155 -11.82 -4.09 -15.77
CA HIS A 155 -10.45 -3.69 -15.50
C HIS A 155 -9.53 -4.84 -15.13
N VAL A 156 -10.06 -6.04 -14.87
CA VAL A 156 -9.25 -7.22 -14.59
C VAL A 156 -9.79 -8.38 -15.42
N ILE A 157 -8.90 -9.11 -16.07
CA ILE A 157 -9.28 -10.29 -16.85
C ILE A 157 -9.31 -11.48 -15.90
N PRO A 158 -10.46 -12.15 -15.74
CA PRO A 158 -10.53 -13.30 -14.83
C PRO A 158 -10.41 -14.63 -15.55
N LEU A 159 -9.30 -15.33 -15.39
CA LEU A 159 -9.05 -16.59 -16.07
C LEU A 159 -9.00 -17.74 -15.06
N SER A 160 -9.60 -18.86 -15.41
CA SER A 160 -9.59 -20.05 -14.56
C SER A 160 -9.33 -21.30 -15.39
N ASP A 161 -10.17 -21.52 -16.41
CA ASP A 161 -10.06 -22.69 -17.26
C ASP A 161 -8.83 -22.58 -18.17
N PRO A 162 -7.88 -23.52 -18.09
CA PRO A 162 -6.71 -23.45 -18.98
C PRO A 162 -7.05 -23.52 -20.47
N ASP A 163 -8.29 -23.83 -20.84
CA ASP A 163 -8.68 -23.80 -22.24
C ASP A 163 -8.99 -22.39 -22.74
N ASP A 164 -9.04 -21.40 -21.86
CA ASP A 164 -9.26 -20.02 -22.23
C ASP A 164 -7.96 -19.23 -22.37
N TYR A 165 -6.82 -19.83 -22.05
CA TYR A 165 -5.57 -19.09 -22.01
C TYR A 165 -5.19 -18.57 -23.40
N ASP A 166 -5.30 -19.43 -24.41
CA ASP A 166 -4.77 -19.10 -25.74
C ASP A 166 -5.52 -17.93 -26.36
N ASP A 167 -6.86 -17.98 -26.34
CA ASP A 167 -7.63 -16.90 -26.95
C ASP A 167 -7.33 -15.56 -26.31
N VAL A 168 -7.14 -15.54 -24.99
CA VAL A 168 -6.79 -14.29 -24.32
C VAL A 168 -5.40 -13.84 -24.72
N LEU A 169 -4.44 -14.76 -24.75
CA LEU A 169 -3.08 -14.40 -25.14
C LEU A 169 -3.02 -13.95 -26.60
N LYS A 170 -3.78 -14.60 -27.48
CA LYS A 170 -3.82 -14.18 -28.87
C LYS A 170 -4.43 -12.79 -29.02
N LEU A 171 -5.55 -12.55 -28.32
CA LEU A 171 -6.18 -11.22 -28.36
C LEU A 171 -5.21 -10.13 -27.91
N LEU A 172 -4.52 -10.36 -26.80
CA LEU A 172 -3.53 -9.39 -26.33
C LEU A 172 -2.40 -9.22 -27.33
N GLU A 173 -2.08 -10.27 -28.09
CA GLU A 173 -0.99 -10.19 -29.05
C GLU A 173 -1.37 -9.40 -30.29
N GLN A 174 -2.62 -9.45 -30.72
CA GLN A 174 -3.05 -8.61 -31.84
C GLN A 174 -3.08 -7.14 -31.44
N GLY A 175 -3.43 -6.84 -30.19
CA GLY A 175 -3.56 -5.47 -29.76
C GLY A 175 -2.37 -4.94 -28.99
N GLY A 176 -1.17 -5.40 -29.34
CA GLY A 176 0.05 -4.88 -28.76
C GLY A 176 0.20 -5.09 -27.27
N GLY A 177 -0.45 -6.11 -26.71
CA GLY A 177 -0.34 -6.38 -25.29
C GLY A 177 -1.15 -5.47 -24.40
N LEU A 178 -2.03 -4.65 -24.96
CA LEU A 178 -2.80 -3.74 -24.11
C LEU A 178 -4.06 -4.43 -23.60
N PRO A 179 -4.40 -4.24 -22.32
CA PRO A 179 -5.58 -4.93 -21.77
C PRO A 179 -6.87 -4.61 -22.51
N SER A 180 -6.94 -3.47 -23.21
CA SER A 180 -8.13 -3.15 -23.99
C SER A 180 -8.32 -4.10 -25.16
N ALA A 181 -7.28 -4.83 -25.57
CA ALA A 181 -7.40 -5.79 -26.67
C ALA A 181 -8.33 -6.94 -26.34
N VAL A 182 -8.70 -7.13 -25.07
CA VAL A 182 -9.72 -8.11 -24.69
C VAL A 182 -11.03 -7.34 -24.49
N PRO A 183 -12.02 -7.52 -25.36
CA PRO A 183 -13.21 -6.65 -25.32
C PRO A 183 -14.06 -6.89 -24.09
N VAL A 184 -14.99 -5.95 -23.88
CA VAL A 184 -15.93 -6.04 -22.77
C VAL A 184 -16.74 -7.33 -22.86
N GLU A 185 -17.15 -7.71 -24.07
CA GLU A 185 -18.01 -8.87 -24.26
C GLU A 185 -17.31 -10.16 -23.83
N ARG A 186 -16.02 -10.28 -24.14
CA ARG A 186 -15.28 -11.47 -23.73
C ARG A 186 -15.01 -11.48 -22.23
N ARG A 187 -14.86 -10.30 -21.63
CA ARG A 187 -14.57 -10.23 -20.21
C ARG A 187 -15.77 -10.69 -19.37
N LEU A 188 -16.98 -10.30 -19.77
CA LEU A 188 -18.17 -10.71 -19.03
C LEU A 188 -18.40 -12.21 -19.13
N ALA A 189 -18.13 -12.80 -20.30
CA ALA A 189 -18.26 -14.25 -20.46
C ALA A 189 -17.28 -14.98 -19.55
N LEU A 190 -16.04 -14.47 -19.44
CA LEU A 190 -15.08 -15.06 -18.53
C LEU A 190 -15.48 -14.81 -17.07
N ALA A 191 -16.08 -13.66 -16.79
CA ALA A 191 -16.48 -13.35 -15.43
C ALA A 191 -17.60 -14.26 -14.96
N GLU A 192 -18.61 -14.47 -15.80
CA GLU A 192 -19.68 -15.40 -15.47
C GLU A 192 -19.14 -16.81 -15.29
N LYS A 193 -18.19 -17.21 -16.15
CA LYS A 193 -17.58 -18.53 -16.03
C LYS A 193 -16.80 -18.66 -14.73
N ALA A 194 -16.13 -17.58 -14.31
CA ALA A 194 -15.35 -17.61 -13.08
C ALA A 194 -16.24 -17.85 -11.87
N PHE A 195 -17.35 -17.12 -11.78
CA PHE A 195 -18.28 -17.33 -10.67
C PHE A 195 -18.90 -18.72 -10.72
N ARG A 196 -19.11 -19.26 -11.92
CA ARG A 196 -19.65 -20.61 -12.05
C ARG A 196 -18.66 -21.65 -11.54
N ILE A 197 -17.38 -21.51 -11.91
CA ILE A 197 -16.37 -22.44 -11.42
C ILE A 197 -16.22 -22.34 -9.92
N SER A 198 -16.26 -21.11 -9.39
CA SER A 198 -16.15 -20.94 -7.93
C SER A 198 -17.36 -21.52 -7.22
N GLY A 199 -18.56 -21.33 -7.77
CA GLY A 199 -19.75 -21.89 -7.15
C GLY A 199 -19.73 -23.41 -7.11
N ALA A 200 -19.26 -24.04 -8.20
CA ALA A 200 -19.16 -25.49 -8.21
C ALA A 200 -18.05 -25.98 -7.30
N TYR A 201 -16.97 -25.22 -7.17
CA TYR A 201 -15.89 -25.55 -6.25
C TYR A 201 -16.40 -25.60 -4.81
N ASP A 202 -17.15 -24.56 -4.39
CA ASP A 202 -17.66 -24.52 -3.02
C ASP A 202 -18.70 -25.60 -2.77
N ALA A 203 -19.53 -25.94 -3.78
CA ALA A 203 -20.54 -26.97 -3.58
C ALA A 203 -19.89 -28.34 -3.41
N SER A 204 -18.80 -28.60 -4.13
CA SER A 204 -18.08 -29.85 -3.94
C SER A 204 -17.43 -29.93 -2.57
N VAL A 205 -16.84 -28.82 -2.12
CA VAL A 205 -16.21 -28.80 -0.80
C VAL A 205 -17.25 -28.99 0.30
N ALA A 206 -18.43 -28.40 0.13
CA ALA A 206 -19.50 -28.59 1.09
C ALA A 206 -19.92 -30.06 1.17
N GLU A 207 -19.95 -30.74 0.02
CA GLU A 207 -20.28 -32.16 0.01
C GLU A 207 -19.23 -32.99 0.76
N LEU A 208 -17.97 -32.58 0.72
CA LEU A 208 -16.94 -33.30 1.45
C LEU A 208 -17.09 -33.09 2.95
N PHE A 209 -17.40 -31.86 3.37
CA PHE A 209 -17.64 -31.60 4.78
C PHE A 209 -18.86 -32.38 5.28
N GLY A 210 -19.92 -32.44 4.46
CA GLY A 210 -21.10 -33.21 4.84
C GLY A 210 -20.79 -34.69 4.97
N ALA A 211 -20.05 -35.25 4.00
CA ALA A 211 -19.64 -36.65 4.10
C ALA A 211 -18.67 -36.89 5.24
N SER A 212 -17.94 -35.85 5.67
CA SER A 212 -17.07 -36.00 6.84
C SER A 212 -17.85 -36.21 8.12
N GLY A 213 -19.11 -35.77 8.18
CA GLY A 213 -19.94 -35.91 9.34
C GLY A 213 -20.70 -37.21 9.46
N SER A 214 -20.57 -38.10 8.49
CA SER A 214 -21.20 -39.41 8.55
C SER A 214 -20.22 -40.42 9.17
N ARG A 215 -20.67 -41.67 9.28
CA ARG A 215 -19.84 -42.72 9.87
C ARG A 215 -19.32 -43.67 8.80
N HIS B 20 14.26 -12.15 3.05
CA HIS B 20 14.14 -11.42 1.80
C HIS B 20 14.53 -9.96 1.97
N MET B 21 15.37 -9.46 1.06
CA MET B 21 15.88 -8.11 1.14
C MET B 21 15.62 -7.39 -0.17
N LEU B 22 15.47 -6.07 -0.09
CA LEU B 22 15.16 -5.23 -1.23
C LEU B 22 16.10 -4.03 -1.24
N ALA B 23 16.64 -3.72 -2.43
CA ALA B 23 17.48 -2.55 -2.62
C ALA B 23 16.88 -1.68 -3.71
N VAL B 24 16.99 -0.36 -3.53
CA VAL B 24 16.53 0.61 -4.51
C VAL B 24 17.74 1.40 -4.99
N LEU B 25 17.98 1.36 -6.30
CA LEU B 25 19.16 1.98 -6.91
C LEU B 25 18.70 3.12 -7.80
N ALA B 26 19.01 4.36 -7.39
CA ALA B 26 18.63 5.56 -8.15
C ALA B 26 19.81 6.53 -8.13
N VAL B 27 20.81 6.25 -8.97
CA VAL B 27 22.05 7.01 -9.01
C VAL B 27 22.13 7.77 -10.32
N SER B 28 22.58 9.03 -10.25
CA SER B 28 22.92 9.77 -11.46
C SER B 28 24.32 9.44 -11.93
N ASP B 29 25.27 9.34 -11.01
CA ASP B 29 26.61 8.86 -11.31
C ASP B 29 26.58 7.33 -11.26
N LYS B 30 26.61 6.69 -12.43
CA LYS B 30 26.47 5.26 -12.51
C LYS B 30 27.77 4.51 -12.22
N ARG B 31 28.78 5.17 -11.65
CA ARG B 31 30.05 4.49 -11.40
C ARG B 31 29.89 3.39 -10.36
N ASN B 32 30.41 2.20 -10.68
CA ASN B 32 30.43 1.05 -9.79
C ASN B 32 29.03 0.55 -9.42
N ILE B 33 28.00 0.97 -10.15
CA ILE B 33 26.65 0.53 -9.81
C ILE B 33 26.42 -0.92 -10.22
N GLU B 34 27.12 -1.40 -11.25
CA GLU B 34 26.91 -2.75 -11.75
C GLU B 34 27.52 -3.79 -10.81
N PRO B 35 28.78 -3.65 -10.36
CA PRO B 35 29.29 -4.61 -9.37
C PRO B 35 28.52 -4.61 -8.07
N LEU B 36 27.82 -3.52 -7.73
CA LEU B 36 26.98 -3.51 -6.54
C LEU B 36 25.70 -4.32 -6.76
N ALA B 37 25.04 -4.08 -7.89
CA ALA B 37 23.81 -4.82 -8.19
C ALA B 37 24.09 -6.31 -8.34
N ALA B 38 25.19 -6.66 -9.00
CA ALA B 38 25.52 -8.06 -9.20
C ALA B 38 25.77 -8.77 -7.87
N GLY B 39 26.51 -8.12 -6.97
CA GLY B 39 26.76 -8.72 -5.67
C GLY B 39 25.49 -8.85 -4.84
N LEU B 40 24.60 -7.87 -4.93
CA LEU B 40 23.34 -7.94 -4.18
C LEU B 40 22.45 -9.05 -4.72
N LEU B 41 22.29 -9.13 -6.04
CA LEU B 41 21.52 -10.21 -6.63
C LEU B 41 22.10 -11.58 -6.31
N ARG B 42 23.43 -11.67 -6.18
CA ARG B 42 24.07 -12.93 -5.85
C ARG B 42 23.61 -13.45 -4.49
N LEU B 43 23.40 -12.56 -3.53
CA LEU B 43 23.01 -12.93 -2.18
C LEU B 43 21.50 -13.07 -2.02
N GLY B 44 20.75 -13.13 -3.12
CA GLY B 44 19.31 -13.29 -3.04
C GLY B 44 18.52 -12.02 -2.85
N TRP B 45 19.13 -10.86 -3.00
CA TRP B 45 18.42 -9.59 -2.85
C TRP B 45 17.55 -9.31 -4.07
N ARG B 46 16.43 -8.64 -3.83
CA ARG B 46 15.70 -7.99 -4.91
C ARG B 46 16.30 -6.61 -5.15
N VAL B 47 16.36 -6.20 -6.41
CA VAL B 47 17.00 -4.96 -6.80
C VAL B 47 16.04 -4.18 -7.70
N ALA B 48 15.49 -3.09 -7.17
CA ALA B 48 14.69 -2.17 -7.96
C ALA B 48 15.51 -0.93 -8.30
N ALA B 49 15.17 -0.29 -9.42
CA ALA B 49 15.98 0.83 -9.91
C ALA B 49 15.12 1.79 -10.72
N THR B 50 15.54 3.04 -10.74
CA THR B 50 14.95 4.05 -11.62
C THR B 50 15.47 3.86 -13.04
N GLU B 51 14.84 4.58 -13.98
CA GLU B 51 14.96 4.26 -15.40
C GLU B 51 16.41 4.16 -15.87
N GLY B 52 17.19 5.23 -15.69
CA GLY B 52 18.56 5.22 -16.18
C GLY B 52 19.40 4.13 -15.55
N THR B 53 19.28 3.96 -14.23
CA THR B 53 19.99 2.87 -13.57
C THR B 53 19.44 1.50 -13.96
N TYR B 54 18.13 1.43 -14.21
CA TYR B 54 17.52 0.15 -14.59
C TYR B 54 18.02 -0.32 -15.94
N ARG B 55 17.98 0.55 -16.95
CA ARG B 55 18.36 0.15 -18.30
C ARG B 55 19.81 -0.30 -18.35
N LEU B 56 20.71 0.42 -17.68
CA LEU B 56 22.11 0.00 -17.65
C LEU B 56 22.27 -1.34 -16.96
N LEU B 57 21.50 -1.57 -15.90
CA LEU B 57 21.63 -2.83 -15.16
C LEU B 57 21.04 -3.99 -15.94
N ARG B 58 20.00 -3.76 -16.73
CA ARG B 58 19.45 -4.82 -17.56
C ARG B 58 20.30 -5.08 -18.80
N ASP B 59 20.92 -4.04 -19.36
CA ASP B 59 21.87 -4.23 -20.44
C ASP B 59 23.07 -5.06 -20.00
N ALA B 60 23.37 -5.06 -18.70
CA ALA B 60 24.37 -5.95 -18.12
C ALA B 60 23.85 -7.37 -17.92
N GLY B 61 22.60 -7.63 -18.29
CA GLY B 61 22.03 -8.96 -18.10
C GLY B 61 21.62 -9.28 -16.68
N HIS B 62 21.28 -8.27 -15.88
CA HIS B 62 20.86 -8.46 -14.50
C HIS B 62 19.35 -8.38 -14.38
N GLU B 63 18.78 -9.23 -13.52
CA GLU B 63 17.34 -9.27 -13.31
C GLU B 63 16.98 -8.24 -12.25
N VAL B 64 16.75 -7.01 -12.70
CA VAL B 64 16.36 -5.92 -11.81
C VAL B 64 14.95 -5.49 -12.16
N GLU B 65 14.32 -4.77 -11.24
CA GLU B 65 12.96 -4.30 -11.39
C GLU B 65 12.93 -2.78 -11.46
N ARG B 66 11.85 -2.26 -12.05
CA ARG B 66 11.61 -0.82 -12.08
C ARG B 66 10.87 -0.44 -10.81
N ILE B 67 11.51 0.39 -9.98
CA ILE B 67 10.85 0.87 -8.76
C ILE B 67 9.63 1.70 -9.09
N ALA B 68 9.56 2.25 -10.31
CA ALA B 68 8.38 2.99 -10.72
C ALA B 68 7.16 2.09 -10.81
N ASP B 69 7.31 0.93 -11.47
CA ASP B 69 6.17 0.01 -11.60
C ASP B 69 5.72 -0.52 -10.25
N LEU B 70 6.64 -0.69 -9.31
CA LEU B 70 6.30 -1.17 -7.97
C LEU B 70 5.55 -0.12 -7.16
N ALA B 71 5.68 1.16 -7.52
CA ALA B 71 5.00 2.24 -6.82
C ALA B 71 3.78 2.75 -7.57
N GLY B 72 3.37 2.08 -8.64
CA GLY B 72 2.09 2.32 -9.27
C GLY B 72 1.82 3.68 -9.90
N VAL B 73 2.76 4.61 -9.80
CA VAL B 73 2.59 5.91 -10.46
C VAL B 73 3.84 6.28 -11.26
N PRO B 74 4.22 5.49 -12.27
CA PRO B 74 5.39 5.86 -13.07
C PRO B 74 5.16 7.03 -13.99
N THR B 75 3.91 7.33 -14.35
CA THR B 75 3.61 8.29 -15.40
C THR B 75 3.03 9.61 -14.90
N LEU B 76 2.45 9.63 -13.71
CA LEU B 76 1.85 10.85 -13.18
C LEU B 76 2.82 12.01 -13.15
N LEU B 77 2.39 13.15 -13.70
CA LEU B 77 3.16 14.41 -13.66
C LEU B 77 4.58 14.21 -14.18
N GLY B 78 4.70 13.44 -15.26
CA GLY B 78 6.00 13.21 -15.88
C GLY B 78 6.98 12.44 -15.03
N GLY B 79 6.50 11.65 -14.07
CA GLY B 79 7.38 10.86 -13.23
C GLY B 79 7.96 11.58 -12.04
N ARG B 80 7.50 12.81 -11.75
CA ARG B 80 8.04 13.59 -10.64
C ARG B 80 7.62 13.03 -9.28
N VAL B 81 6.84 11.95 -9.25
CA VAL B 81 6.25 11.45 -8.01
C VAL B 81 6.44 9.93 -7.99
N LYS B 82 7.29 9.43 -8.90
CA LYS B 82 7.39 7.98 -9.10
C LYS B 82 7.80 7.22 -7.85
N THR B 83 8.65 7.81 -7.00
CA THR B 83 9.01 7.16 -5.74
C THR B 83 8.36 7.81 -4.53
N LEU B 84 7.49 8.79 -4.73
CA LEU B 84 6.83 9.48 -3.61
C LEU B 84 5.45 8.87 -3.37
N THR B 85 5.48 7.66 -2.81
CA THR B 85 4.29 6.92 -2.43
C THR B 85 4.47 6.34 -1.04
N VAL B 86 3.38 5.80 -0.48
CA VAL B 86 3.45 5.13 0.81
C VAL B 86 4.30 3.86 0.71
N SER B 87 4.22 3.17 -0.42
CA SER B 87 4.95 1.91 -0.57
C SER B 87 6.45 2.13 -0.53
N VAL B 88 6.96 3.11 -1.28
CA VAL B 88 8.40 3.35 -1.32
C VAL B 88 8.85 4.09 -0.08
N MET B 89 8.21 5.23 0.24
CA MET B 89 8.66 6.04 1.36
C MET B 89 8.36 5.38 2.70
N GLY B 90 7.22 4.70 2.80
CA GLY B 90 6.93 3.95 4.01
C GLY B 90 7.90 2.80 4.22
N GLY B 91 8.22 2.07 3.15
CA GLY B 91 9.19 1.00 3.24
C GLY B 91 10.55 1.44 3.75
N ILE B 92 10.86 2.73 3.61
CA ILE B 92 12.14 3.27 4.08
C ILE B 92 12.01 3.82 5.50
N LEU B 93 10.96 4.59 5.77
CA LEU B 93 10.84 5.32 7.02
C LEU B 93 10.14 4.54 8.12
N ALA B 94 9.48 3.42 7.80
CA ALA B 94 8.81 2.64 8.84
C ALA B 94 9.80 2.16 9.88
N ARG B 95 9.34 2.14 11.13
CA ARG B 95 10.15 1.67 12.24
C ARG B 95 9.82 0.21 12.53
N GLU B 96 10.42 -0.35 13.59
CA GLU B 96 10.24 -1.75 13.93
C GLU B 96 9.22 -1.97 15.05
N THR B 97 8.41 -0.96 15.35
CA THR B 97 7.38 -1.11 16.37
C THR B 97 6.28 -2.04 15.86
N GLU B 98 5.44 -2.50 16.79
CA GLU B 98 4.37 -3.42 16.44
C GLU B 98 3.38 -2.77 15.47
N SER B 99 3.02 -1.52 15.72
CA SER B 99 2.05 -0.85 14.86
C SER B 99 2.60 -0.64 13.45
N ASP B 100 3.87 -0.24 13.34
CA ASP B 100 4.45 -0.03 12.02
C ASP B 100 4.60 -1.35 11.26
N LEU B 101 5.00 -2.41 11.96
CA LEU B 101 5.15 -3.70 11.30
C LEU B 101 3.81 -4.26 10.86
N ARG B 102 2.77 -4.09 11.68
CA ARG B 102 1.44 -4.58 11.30
C ARG B 102 0.92 -3.84 10.08
N GLU B 103 1.11 -2.53 10.01
CA GLU B 103 0.59 -1.76 8.89
C GLU B 103 1.29 -2.11 7.59
N MET B 104 2.60 -2.41 7.64
CA MET B 104 3.31 -2.83 6.44
C MET B 104 2.77 -4.15 5.92
N ALA B 105 2.49 -5.09 6.81
CA ALA B 105 1.90 -6.36 6.42
C ALA B 105 0.46 -6.16 5.93
N GLU B 106 -0.25 -5.23 6.56
CA GLU B 106 -1.64 -4.94 6.16
C GLU B 106 -1.71 -4.47 4.71
N TYR B 107 -0.78 -3.61 4.31
CA TYR B 107 -0.81 -3.02 2.98
C TYR B 107 0.12 -3.73 1.99
N GLY B 108 0.92 -4.69 2.44
CA GLY B 108 1.85 -5.37 1.56
C GLY B 108 3.05 -4.54 1.18
N ILE B 109 3.59 -3.78 2.14
CA ILE B 109 4.72 -2.89 1.88
C ILE B 109 6.00 -3.61 2.34
N PRO B 110 6.90 -3.94 1.43
CA PRO B 110 8.17 -4.53 1.87
C PRO B 110 9.10 -3.47 2.43
N ARG B 111 9.94 -3.91 3.36
CA ARG B 111 11.00 -3.04 3.86
C ARG B 111 12.06 -2.86 2.78
N ILE B 112 12.49 -1.62 2.58
CA ILE B 112 13.60 -1.32 1.69
C ILE B 112 14.87 -1.31 2.53
N ASP B 113 15.75 -2.28 2.30
CA ASP B 113 16.92 -2.47 3.14
C ASP B 113 18.10 -1.61 2.73
N LEU B 114 18.12 -1.10 1.50
CA LEU B 114 19.26 -0.32 1.03
C LEU B 114 18.77 0.70 0.00
N VAL B 115 19.24 1.93 0.14
CA VAL B 115 18.97 2.99 -0.83
C VAL B 115 20.31 3.46 -1.38
N CYS B 116 20.41 3.52 -2.70
CA CYS B 116 21.59 4.05 -3.38
C CYS B 116 21.17 5.26 -4.21
N ASN B 117 21.70 6.42 -3.87
CA ASN B 117 21.24 7.67 -4.48
C ASN B 117 22.38 8.68 -4.48
N ASN B 118 22.72 9.20 -5.65
CA ASN B 118 23.65 10.30 -5.79
C ASN B 118 23.14 11.22 -6.89
N TYR B 119 23.83 12.34 -7.08
CA TYR B 119 23.30 13.41 -7.91
C TYR B 119 24.21 13.76 -9.08
N TYR B 120 23.59 14.40 -10.07
CA TYR B 120 24.30 14.96 -11.21
C TYR B 120 25.17 16.13 -10.76
N LEU B 121 26.36 16.21 -11.35
CA LEU B 121 27.33 17.26 -11.02
C LEU B 121 26.83 18.62 -11.48
N LEU B 122 26.81 19.60 -10.58
CA LEU B 122 26.34 20.87 -11.11
C LEU B 122 27.49 21.81 -11.41
N PRO B 123 27.34 22.67 -12.41
CA PRO B 123 28.37 23.68 -12.70
C PRO B 123 28.61 24.58 -11.50
N GLU B 124 29.87 24.69 -11.10
CA GLU B 124 30.26 25.70 -10.14
C GLU B 124 29.96 27.08 -10.73
N PRO B 125 29.40 28.00 -9.95
CA PRO B 125 29.02 29.30 -10.52
C PRO B 125 30.21 30.23 -10.70
N GLN B 126 30.12 31.03 -11.75
CA GLN B 126 31.08 32.10 -11.99
C GLN B 126 30.40 33.17 -12.83
N PRO B 127 30.94 34.39 -12.85
CA PRO B 127 30.19 35.56 -13.37
C PRO B 127 29.42 35.34 -14.67
N GLY B 128 29.96 34.62 -15.63
CA GLY B 128 29.33 34.47 -16.93
C GLY B 128 28.49 33.24 -17.14
N LEU B 129 28.23 32.45 -16.10
CA LEU B 129 27.57 31.18 -16.28
C LEU B 129 26.06 31.35 -16.36
N ASP B 130 25.43 30.47 -17.14
CA ASP B 130 24.06 30.35 -17.64
C ASP B 130 23.22 29.43 -16.74
N PRO B 131 21.94 29.74 -16.53
CA PRO B 131 21.06 28.75 -15.89
C PRO B 131 20.97 27.46 -16.70
N ALA B 132 20.66 27.59 -18.00
CA ALA B 132 20.77 26.48 -18.95
C ALA B 132 19.97 25.25 -18.51
N GLY B 133 18.78 25.49 -17.95
CA GLY B 133 17.93 24.39 -17.54
C GLY B 133 18.55 23.48 -16.49
N PHE B 134 19.45 24.02 -15.66
CA PHE B 134 19.99 23.21 -14.56
C PHE B 134 18.89 22.81 -13.58
N ARG B 135 17.83 23.61 -13.48
CA ARG B 135 16.78 23.35 -12.51
C ARG B 135 16.08 22.03 -12.78
N GLU B 136 15.95 21.64 -14.04
CA GLU B 136 15.32 20.36 -14.36
C GLU B 136 16.16 19.17 -13.90
N LYS B 137 17.46 19.36 -13.72
CA LYS B 137 18.34 18.30 -13.25
C LYS B 137 18.33 18.15 -11.74
N VAL B 138 17.61 19.01 -11.02
CA VAL B 138 17.48 18.88 -9.57
C VAL B 138 16.38 17.89 -9.27
N ASP B 139 16.67 16.91 -8.42
CA ASP B 139 15.72 15.85 -8.09
C ASP B 139 15.18 16.04 -6.68
N VAL B 140 13.91 15.68 -6.51
CA VAL B 140 13.22 15.78 -5.22
C VAL B 140 13.02 14.40 -4.59
N GLY B 141 12.48 13.45 -5.36
CA GLY B 141 12.17 12.15 -4.79
C GLY B 141 13.40 11.38 -4.35
N GLY B 142 14.48 11.47 -5.12
CA GLY B 142 15.72 10.78 -4.81
C GLY B 142 16.29 11.18 -3.46
N PRO B 143 16.60 12.47 -3.29
CA PRO B 143 17.09 12.92 -1.97
C PRO B 143 16.16 12.57 -0.82
N ALA B 144 14.85 12.50 -1.06
CA ALA B 144 13.94 12.12 0.01
C ALA B 144 14.16 10.65 0.41
N MET B 145 14.46 9.79 -0.56
CA MET B 145 14.76 8.40 -0.23
C MET B 145 16.08 8.29 0.52
N LEU B 146 17.10 9.01 0.06
CA LEU B 146 18.42 8.92 0.69
C LEU B 146 18.40 9.52 2.10
N ARG B 147 17.80 10.70 2.25
CA ARG B 147 17.72 11.32 3.56
C ARG B 147 16.87 10.49 4.51
N GLY B 148 15.80 9.88 3.99
CA GLY B 148 15.00 9.01 4.83
C GLY B 148 15.75 7.77 5.25
N ALA B 149 16.56 7.21 4.35
CA ALA B 149 17.40 6.07 4.71
C ALA B 149 18.47 6.46 5.71
N ALA B 150 19.08 7.64 5.52
CA ALA B 150 20.11 8.10 6.45
C ALA B 150 19.51 8.36 7.83
N LYS B 151 18.31 8.95 7.88
CA LYS B 151 17.64 9.13 9.16
C LYS B 151 17.33 7.79 9.82
N ASN B 152 16.85 6.83 9.05
CA ASN B 152 16.55 5.49 9.53
C ASN B 152 17.70 4.53 9.25
N PHE B 153 18.93 4.95 9.58
CA PHE B 153 20.12 4.19 9.21
C PHE B 153 20.19 2.84 9.90
N GLU B 154 19.45 2.64 11.00
CA GLU B 154 19.49 1.37 11.69
C GLU B 154 18.77 0.27 10.93
N HIS B 155 17.93 0.63 9.96
CA HIS B 155 17.18 -0.37 9.20
C HIS B 155 17.20 -0.15 7.69
N VAL B 156 17.80 0.93 7.22
CA VAL B 156 18.08 1.13 5.80
C VAL B 156 19.54 1.55 5.68
N ILE B 157 20.25 0.99 4.71
CA ILE B 157 21.64 1.32 4.47
C ILE B 157 21.69 2.47 3.47
N PRO B 158 22.22 3.64 3.83
CA PRO B 158 22.27 4.76 2.88
C PRO B 158 23.58 4.81 2.10
N LEU B 159 23.49 4.65 0.79
CA LEU B 159 24.65 4.67 -0.09
C LEU B 159 24.54 5.83 -1.06
N SER B 160 25.65 6.54 -1.27
CA SER B 160 25.68 7.65 -2.22
C SER B 160 27.00 7.64 -2.99
N ASP B 161 28.11 7.76 -2.27
CA ASP B 161 29.42 7.81 -2.89
C ASP B 161 29.78 6.42 -3.42
N PRO B 162 30.06 6.27 -4.72
CA PRO B 162 30.42 4.95 -5.25
C PRO B 162 31.62 4.31 -4.58
N ASP B 163 32.46 5.08 -3.90
CA ASP B 163 33.66 4.54 -3.27
C ASP B 163 33.36 3.63 -2.09
N ASP B 164 32.11 3.57 -1.62
CA ASP B 164 31.75 2.77 -0.47
C ASP B 164 30.90 1.55 -0.83
N TYR B 165 30.58 1.38 -2.10
CA TYR B 165 29.78 0.22 -2.51
C TYR B 165 30.49 -1.07 -2.15
N ASP B 166 31.79 -1.16 -2.46
CA ASP B 166 32.52 -2.40 -2.26
C ASP B 166 32.59 -2.79 -0.79
N ASP B 167 32.88 -1.82 0.09
CA ASP B 167 32.98 -2.12 1.51
C ASP B 167 31.65 -2.63 2.06
N VAL B 168 30.54 -2.05 1.61
CA VAL B 168 29.23 -2.50 2.06
C VAL B 168 28.92 -3.89 1.50
N LEU B 169 29.26 -4.12 0.23
CA LEU B 169 29.03 -5.42 -0.38
C LEU B 169 29.82 -6.52 0.33
N LYS B 170 31.08 -6.25 0.63
CA LYS B 170 31.90 -7.25 1.33
C LYS B 170 31.39 -7.49 2.74
N LEU B 171 30.94 -6.43 3.42
CA LEU B 171 30.35 -6.60 4.75
C LEU B 171 29.11 -7.49 4.69
N LEU B 172 28.29 -7.32 3.65
CA LEU B 172 27.09 -8.14 3.52
C LEU B 172 27.45 -9.58 3.19
N GLU B 173 28.39 -9.77 2.26
CA GLU B 173 28.72 -11.13 1.81
C GLU B 173 29.31 -11.98 2.92
N GLN B 174 29.95 -11.35 3.92
CA GLN B 174 30.52 -12.10 5.02
C GLN B 174 29.49 -12.53 6.05
N GLY B 175 28.29 -11.95 6.02
CA GLY B 175 27.21 -12.38 6.88
C GLY B 175 26.01 -12.84 6.08
N GLY B 176 26.26 -13.62 5.03
CA GLY B 176 25.21 -14.02 4.12
C GLY B 176 24.78 -12.87 3.22
N GLY B 177 23.55 -12.41 3.38
CA GLY B 177 23.08 -11.22 2.71
C GLY B 177 22.24 -10.39 3.65
N LEU B 178 22.41 -10.65 4.94
CA LEU B 178 21.53 -10.07 5.95
C LEU B 178 21.97 -8.66 6.31
N PRO B 179 21.06 -7.69 6.32
CA PRO B 179 21.47 -6.29 6.60
C PRO B 179 22.12 -6.10 7.96
N SER B 180 21.88 -7.00 8.92
CA SER B 180 22.56 -6.89 10.21
C SER B 180 24.05 -7.13 10.11
N ALA B 181 24.55 -7.61 8.98
CA ALA B 181 25.99 -7.77 8.80
C ALA B 181 26.70 -6.43 8.75
N VAL B 182 26.04 -5.39 8.23
CA VAL B 182 26.58 -4.03 8.27
C VAL B 182 26.34 -3.48 9.67
N PRO B 183 27.39 -3.22 10.44
CA PRO B 183 27.20 -2.75 11.81
C PRO B 183 26.60 -1.35 11.86
N VAL B 184 26.03 -1.03 13.03
CA VAL B 184 25.36 0.25 13.21
C VAL B 184 26.36 1.40 13.11
N GLU B 185 27.58 1.20 13.61
CA GLU B 185 28.59 2.25 13.53
C GLU B 185 28.91 2.59 12.08
N ARG B 186 28.91 1.59 11.20
CA ARG B 186 29.11 1.87 9.78
C ARG B 186 27.88 2.52 9.16
N ARG B 187 26.68 2.17 9.65
CA ARG B 187 25.46 2.80 9.16
C ARG B 187 25.41 4.27 9.57
N LEU B 188 25.87 4.58 10.79
CA LEU B 188 25.92 5.97 11.22
C LEU B 188 26.88 6.79 10.36
N ALA B 189 28.03 6.20 10.02
CA ALA B 189 29.01 6.91 9.20
C ALA B 189 28.49 7.14 7.79
N LEU B 190 27.74 6.17 7.26
CA LEU B 190 27.14 6.36 5.93
C LEU B 190 26.03 7.41 5.99
N ALA B 191 25.27 7.43 7.08
CA ALA B 191 24.20 8.41 7.22
C ALA B 191 24.75 9.83 7.32
N GLU B 192 25.85 9.99 8.07
CA GLU B 192 26.50 11.30 8.14
C GLU B 192 26.98 11.74 6.77
N LYS B 193 27.54 10.81 6.00
CA LYS B 193 28.03 11.17 4.68
C LYS B 193 26.88 11.57 3.76
N ALA B 194 25.75 10.88 3.86
CA ALA B 194 24.61 11.18 2.99
C ALA B 194 24.04 12.55 3.29
N PHE B 195 23.90 12.90 4.57
CA PHE B 195 23.44 14.23 4.93
C PHE B 195 24.46 15.31 4.55
N ARG B 196 25.75 15.00 4.64
CA ARG B 196 26.76 15.96 4.22
C ARG B 196 26.72 16.20 2.72
N ILE B 197 26.61 15.11 1.94
CA ILE B 197 26.50 15.25 0.49
C ILE B 197 25.21 15.98 0.13
N SER B 198 24.14 15.76 0.88
CA SER B 198 22.88 16.44 0.61
C SER B 198 22.98 17.93 0.87
N GLY B 199 23.61 18.33 1.98
CA GLY B 199 23.76 19.74 2.28
C GLY B 199 24.67 20.45 1.28
N ALA B 200 25.78 19.81 0.90
CA ALA B 200 26.67 20.41 -0.09
C ALA B 200 25.97 20.58 -1.43
N TYR B 201 25.03 19.69 -1.75
CA TYR B 201 24.32 19.77 -3.02
C TYR B 201 23.27 20.87 -3.01
N ASP B 202 22.58 21.06 -1.89
CA ASP B 202 21.59 22.12 -1.82
C ASP B 202 22.25 23.50 -1.82
N ALA B 203 23.44 23.61 -1.23
CA ALA B 203 24.21 24.83 -1.39
C ALA B 203 24.62 25.03 -2.85
N SER B 204 24.86 23.94 -3.57
CA SER B 204 25.17 24.04 -5.00
C SER B 204 24.01 24.66 -5.76
N VAL B 205 22.78 24.20 -5.48
CA VAL B 205 21.61 24.73 -6.18
C VAL B 205 21.35 26.17 -5.78
N ALA B 206 21.62 26.53 -4.52
CA ALA B 206 21.37 27.90 -4.07
C ALA B 206 22.26 28.89 -4.80
N GLU B 207 23.56 28.59 -4.92
CA GLU B 207 24.47 29.50 -5.60
C GLU B 207 24.11 29.66 -7.07
N LEU B 208 23.65 28.58 -7.70
CA LEU B 208 23.25 28.65 -9.10
C LEU B 208 21.94 29.42 -9.28
N PHE B 209 21.11 29.49 -8.24
CA PHE B 209 19.92 30.32 -8.31
C PHE B 209 20.25 31.81 -8.28
N GLY B 210 21.47 32.16 -7.89
CA GLY B 210 21.94 33.54 -7.98
C GLY B 210 22.42 33.88 -9.37
N ALA B 211 21.61 33.60 -10.38
CA ALA B 211 21.95 33.87 -11.76
C ALA B 211 20.69 33.92 -12.64
N GLY C 18 -11.55 24.17 -0.91
CA GLY C 18 -11.88 23.73 -2.25
C GLY C 18 -11.16 24.50 -3.34
N SER C 19 -11.91 25.29 -4.09
CA SER C 19 -11.38 26.08 -5.21
C SER C 19 -10.43 27.19 -4.76
N HIS C 20 -10.13 27.27 -3.47
CA HIS C 20 -9.32 28.36 -2.93
C HIS C 20 -7.84 28.12 -3.20
N MET C 21 -7.06 29.18 -3.03
CA MET C 21 -5.62 29.03 -2.94
C MET C 21 -5.27 28.23 -1.68
N LEU C 22 -4.14 27.52 -1.74
CA LEU C 22 -3.77 26.61 -0.67
C LEU C 22 -2.36 26.93 -0.19
N ALA C 23 -2.22 27.11 1.12
CA ALA C 23 -0.92 27.29 1.75
C ALA C 23 -0.70 26.17 2.76
N VAL C 24 0.54 25.68 2.83
CA VAL C 24 0.94 24.64 3.77
C VAL C 24 2.01 25.22 4.67
N LEU C 25 1.76 25.22 5.98
CA LEU C 25 2.62 25.84 6.97
C LEU C 25 3.15 24.76 7.91
N ALA C 26 4.47 24.61 7.97
CA ALA C 26 5.09 23.62 8.86
C ALA C 26 6.44 24.19 9.31
N VAL C 27 6.42 24.88 10.46
CA VAL C 27 7.54 25.67 10.90
C VAL C 27 8.08 25.13 12.22
N SER C 28 9.40 25.17 12.38
CA SER C 28 10.07 25.00 13.66
C SER C 28 10.24 26.34 14.36
N ASP C 29 10.83 27.32 13.68
CA ASP C 29 10.85 28.70 14.13
C ASP C 29 9.48 29.32 13.82
N LYS C 30 8.70 29.57 14.86
CA LYS C 30 7.33 30.07 14.73
C LYS C 30 7.26 31.58 14.59
N ARG C 31 8.40 32.26 14.42
CA ARG C 31 8.39 33.71 14.34
C ARG C 31 7.60 34.18 13.12
N ASN C 32 6.70 35.14 13.35
CA ASN C 32 5.88 35.79 12.31
C ASN C 32 4.88 34.84 11.67
N ILE C 33 4.73 33.61 12.17
CA ILE C 33 3.81 32.67 11.52
C ILE C 33 2.37 33.04 11.82
N GLU C 34 2.11 33.71 12.95
CA GLU C 34 0.74 34.10 13.26
C GLU C 34 0.26 35.24 12.37
N PRO C 35 1.00 36.33 12.18
CA PRO C 35 0.56 37.33 11.20
C PRO C 35 0.47 36.80 9.78
N LEU C 36 1.30 35.81 9.43
CA LEU C 36 1.24 35.25 8.08
C LEU C 36 -0.02 34.42 7.87
N ALA C 37 -0.30 33.49 8.79
CA ALA C 37 -1.49 32.66 8.65
C ALA C 37 -2.76 33.49 8.74
N ALA C 38 -2.80 34.46 9.65
CA ALA C 38 -3.96 35.35 9.74
C ALA C 38 -4.14 36.16 8.47
N GLY C 39 -3.03 36.58 7.86
CA GLY C 39 -3.13 37.32 6.61
C GLY C 39 -3.67 36.47 5.48
N LEU C 40 -3.19 35.23 5.37
CA LEU C 40 -3.65 34.34 4.30
C LEU C 40 -5.13 33.98 4.48
N LEU C 41 -5.55 33.68 5.71
CA LEU C 41 -6.96 33.43 5.97
C LEU C 41 -7.79 34.67 5.64
N ARG C 42 -7.28 35.85 5.96
CA ARG C 42 -7.97 37.09 5.63
C ARG C 42 -8.12 37.26 4.12
N LEU C 43 -7.20 36.70 3.34
CA LEU C 43 -7.23 36.80 1.89
C LEU C 43 -8.11 35.74 1.24
N GLY C 44 -8.80 34.92 2.02
CA GLY C 44 -9.61 33.86 1.47
C GLY C 44 -8.87 32.57 1.20
N TRP C 45 -7.61 32.48 1.57
CA TRP C 45 -6.82 31.29 1.31
C TRP C 45 -7.21 30.16 2.26
N ARG C 46 -6.90 28.94 1.83
CA ARG C 46 -6.92 27.79 2.72
C ARG C 46 -5.52 27.60 3.30
N VAL C 47 -5.45 27.31 4.61
CA VAL C 47 -4.18 27.21 5.32
C VAL C 47 -4.15 25.88 6.07
N ALA C 48 -3.24 25.00 5.66
CA ALA C 48 -3.01 23.73 6.36
C ALA C 48 -1.70 23.79 7.14
N ALA C 49 -1.64 23.03 8.24
CA ALA C 49 -0.49 23.05 9.13
C ALA C 49 -0.42 21.72 9.88
N THR C 50 0.65 21.54 10.66
CA THR C 50 0.86 20.22 11.26
C THR C 50 1.30 20.18 12.72
N GLU C 51 2.40 20.86 13.08
CA GLU C 51 3.03 20.64 14.39
C GLU C 51 2.36 21.51 15.45
N GLY C 52 3.15 22.17 16.30
CA GLY C 52 2.65 23.30 17.06
C GLY C 52 2.16 24.41 16.17
N THR C 53 2.67 24.49 14.95
CA THR C 53 2.11 25.38 13.93
C THR C 53 0.59 25.29 13.92
N TYR C 54 0.06 24.08 13.80
CA TYR C 54 -1.40 23.92 13.84
C TYR C 54 -1.95 24.36 15.19
N ARG C 55 -1.40 23.84 16.29
CA ARG C 55 -1.97 24.12 17.60
C ARG C 55 -1.71 25.57 18.02
N LEU C 56 -0.57 26.15 17.64
CA LEU C 56 -0.34 27.57 17.95
C LEU C 56 -1.36 28.45 17.24
N LEU C 57 -1.66 28.16 15.98
CA LEU C 57 -2.61 28.98 15.23
C LEU C 57 -4.05 28.74 15.69
N ARG C 58 -4.38 27.50 16.07
CA ARG C 58 -5.74 27.23 16.55
C ARG C 58 -5.99 27.87 17.91
N ASP C 59 -5.01 27.79 18.82
CA ASP C 59 -5.15 28.45 20.12
C ASP C 59 -5.27 29.95 19.98
N ALA C 60 -4.63 30.53 18.95
CA ALA C 60 -4.73 31.96 18.68
C ALA C 60 -6.03 32.35 17.99
N GLY C 61 -6.95 31.42 17.79
CA GLY C 61 -8.23 31.73 17.20
C GLY C 61 -8.28 31.69 15.69
N HIS C 62 -7.32 31.04 15.05
CA HIS C 62 -7.29 30.94 13.59
C HIS C 62 -7.79 29.55 13.17
N GLU C 63 -8.68 29.53 12.18
CA GLU C 63 -9.28 28.27 11.72
C GLU C 63 -8.48 27.68 10.56
N VAL C 64 -7.20 27.44 10.83
CA VAL C 64 -6.40 26.64 9.92
C VAL C 64 -6.84 25.18 9.99
N GLU C 65 -6.45 24.41 8.99
CA GLU C 65 -6.76 22.99 8.95
C GLU C 65 -5.49 22.16 9.12
N ARG C 66 -5.69 20.87 9.37
CA ARG C 66 -4.58 19.94 9.50
C ARG C 66 -4.18 19.41 8.13
N ILE C 67 -2.86 19.21 7.95
CA ILE C 67 -2.40 18.53 6.75
C ILE C 67 -2.93 17.10 6.71
N ALA C 68 -3.09 16.47 7.89
CA ALA C 68 -3.56 15.09 7.94
C ALA C 68 -4.98 14.95 7.39
N ASP C 69 -5.79 16.00 7.50
CA ASP C 69 -7.17 15.95 7.02
C ASP C 69 -7.31 16.34 5.55
N LEU C 70 -6.21 16.70 4.88
CA LEU C 70 -6.27 16.96 3.46
C LEU C 70 -6.62 15.66 2.72
N ALA C 71 -7.44 15.79 1.68
CA ALA C 71 -7.98 14.63 0.98
C ALA C 71 -6.86 13.76 0.42
N GLY C 72 -6.86 12.49 0.80
CA GLY C 72 -5.88 11.55 0.30
C GLY C 72 -4.55 11.56 1.04
N VAL C 73 -4.40 12.37 2.07
CA VAL C 73 -3.15 12.39 2.83
C VAL C 73 -3.11 11.16 3.72
N PRO C 74 -2.08 10.31 3.59
CA PRO C 74 -2.03 9.08 4.38
C PRO C 74 -1.53 9.34 5.79
N THR C 75 -2.24 8.80 6.78
CA THR C 75 -1.82 8.85 8.17
C THR C 75 -1.10 7.58 8.60
N LEU C 76 -0.81 6.68 7.66
CA LEU C 76 -0.10 5.45 7.95
C LEU C 76 1.23 5.71 8.64
N LEU C 77 1.64 4.77 9.49
CA LEU C 77 2.95 4.81 10.14
C LEU C 77 3.15 6.11 10.93
N GLY C 78 2.16 6.43 11.77
CA GLY C 78 2.26 7.57 12.66
C GLY C 78 2.47 8.91 11.97
N GLY C 79 1.94 9.06 10.76
CA GLY C 79 2.05 10.32 10.04
C GLY C 79 3.39 10.62 9.43
N ARG C 80 4.36 9.70 9.53
CA ARG C 80 5.68 9.93 8.96
C ARG C 80 5.66 10.14 7.46
N VAL C 81 4.52 9.90 6.81
CA VAL C 81 4.43 9.87 5.36
C VAL C 81 3.44 10.90 4.82
N LYS C 82 2.75 11.62 5.70
CA LYS C 82 1.67 12.54 5.34
C LYS C 82 2.01 13.41 4.12
N THR C 83 3.20 14.00 4.10
CA THR C 83 3.56 14.97 3.08
C THR C 83 4.43 14.40 1.97
N LEU C 84 4.67 13.08 1.98
CA LEU C 84 5.60 12.46 1.03
C LEU C 84 4.88 11.62 -0.03
N THR C 85 3.62 11.91 -0.31
CA THR C 85 2.91 11.20 -1.37
C THR C 85 2.31 12.19 -2.37
N VAL C 86 1.39 11.69 -3.22
CA VAL C 86 0.95 12.46 -4.38
C VAL C 86 0.16 13.70 -3.96
N SER C 87 -0.63 13.59 -2.89
CA SER C 87 -1.52 14.69 -2.51
C SER C 87 -0.72 15.98 -2.26
N VAL C 88 0.32 15.91 -1.44
CA VAL C 88 1.11 17.10 -1.14
C VAL C 88 2.18 17.32 -2.20
N MET C 89 3.00 16.29 -2.47
CA MET C 89 4.10 16.44 -3.41
C MET C 89 3.62 16.71 -4.82
N GLY C 90 2.46 16.17 -5.20
CA GLY C 90 1.90 16.46 -6.51
C GLY C 90 1.38 17.87 -6.61
N GLY C 91 0.74 18.36 -5.54
CA GLY C 91 0.28 19.73 -5.51
C GLY C 91 1.41 20.75 -5.61
N ILE C 92 2.62 20.34 -5.24
CA ILE C 92 3.78 21.22 -5.29
C ILE C 92 4.53 21.08 -6.62
N LEU C 93 4.79 19.84 -7.05
CA LEU C 93 5.72 19.59 -8.14
C LEU C 93 5.07 19.64 -9.52
N ALA C 94 3.75 19.56 -9.61
CA ALA C 94 3.09 19.56 -10.90
C ALA C 94 3.35 20.86 -11.65
N ARG C 95 3.63 20.74 -12.94
CA ARG C 95 3.85 21.90 -13.79
C ARG C 95 2.52 22.49 -14.22
N GLU C 96 2.57 23.61 -14.93
CA GLU C 96 1.38 24.17 -15.55
C GLU C 96 1.11 23.57 -16.93
N THR C 97 1.74 22.46 -17.27
CA THR C 97 1.42 21.78 -18.51
C THR C 97 0.01 21.20 -18.43
N GLU C 98 -0.60 21.04 -19.60
CA GLU C 98 -2.01 20.69 -19.68
C GLU C 98 -2.25 19.23 -19.32
N SER C 99 -1.22 18.39 -19.47
CA SER C 99 -1.33 17.00 -19.03
C SER C 99 -1.28 16.91 -17.51
N ASP C 100 -0.42 17.71 -16.88
CA ASP C 100 -0.35 17.72 -15.41
C ASP C 100 -1.63 18.28 -14.80
N LEU C 101 -2.14 19.38 -15.35
CA LEU C 101 -3.34 20.00 -14.80
C LEU C 101 -4.55 19.08 -14.94
N ARG C 102 -4.60 18.28 -16.01
CA ARG C 102 -5.70 17.33 -16.16
C ARG C 102 -5.56 16.18 -15.16
N GLU C 103 -4.34 15.70 -14.95
CA GLU C 103 -4.13 14.61 -14.00
C GLU C 103 -4.42 15.07 -12.58
N MET C 104 -4.09 16.31 -12.24
CA MET C 104 -4.44 16.84 -10.92
C MET C 104 -5.95 16.86 -10.73
N ALA C 105 -6.68 17.36 -11.71
CA ALA C 105 -8.14 17.35 -11.65
C ALA C 105 -8.67 15.93 -11.62
N GLU C 106 -8.03 15.03 -12.37
CA GLU C 106 -8.47 13.64 -12.42
C GLU C 106 -8.32 12.96 -11.06
N TYR C 107 -7.21 13.21 -10.37
CA TYR C 107 -6.95 12.60 -9.08
C TYR C 107 -7.40 13.46 -7.90
N GLY C 108 -7.97 14.63 -8.16
CA GLY C 108 -8.40 15.50 -7.08
C GLY C 108 -7.24 16.01 -6.25
N ILE C 109 -6.20 16.49 -6.91
CA ILE C 109 -5.02 17.04 -6.24
C ILE C 109 -5.05 18.55 -6.43
N PRO C 110 -5.37 19.33 -5.40
CA PRO C 110 -5.30 20.79 -5.55
C PRO C 110 -3.86 21.26 -5.60
N ARG C 111 -3.63 22.31 -6.37
CA ARG C 111 -2.33 22.96 -6.40
C ARG C 111 -2.05 23.59 -5.04
N ILE C 112 -0.82 23.40 -4.55
CA ILE C 112 -0.37 24.08 -3.33
C ILE C 112 0.37 25.33 -3.77
N ASP C 113 -0.20 26.49 -3.42
CA ASP C 113 0.31 27.77 -3.90
C ASP C 113 1.42 28.34 -3.03
N LEU C 114 1.53 27.91 -1.78
CA LEU C 114 2.54 28.45 -0.89
C LEU C 114 3.00 27.36 0.07
N VAL C 115 4.31 27.23 0.23
CA VAL C 115 4.90 26.32 1.20
C VAL C 115 5.74 27.16 2.16
N CYS C 116 5.47 27.05 3.45
CA CYS C 116 6.23 27.75 4.49
C CYS C 116 6.86 26.70 5.40
N ASN C 117 8.17 26.55 5.31
CA ASN C 117 8.88 25.50 6.01
C ASN C 117 10.20 26.05 6.54
N ASN C 118 10.51 25.76 7.80
CA ASN C 118 11.79 26.16 8.36
C ASN C 118 12.25 25.10 9.35
N TYR C 119 13.54 25.17 9.70
CA TYR C 119 14.16 24.23 10.59
C TYR C 119 15.12 24.95 11.52
N TYR C 120 15.23 24.45 12.74
CA TYR C 120 16.33 24.84 13.62
C TYR C 120 17.55 24.01 13.24
N LEU C 121 18.70 24.69 13.11
CA LEU C 121 19.95 23.96 12.95
C LEU C 121 20.16 23.05 14.16
N LEU C 122 20.67 21.86 13.90
CA LEU C 122 20.93 20.94 15.01
C LEU C 122 22.09 21.48 15.84
N PRO C 123 22.06 21.28 17.16
CA PRO C 123 23.11 21.86 18.01
C PRO C 123 24.47 21.25 17.70
N GLU C 124 25.52 22.07 17.90
CA GLU C 124 26.88 21.63 17.67
C GLU C 124 27.30 20.61 18.73
N PRO C 125 28.28 19.77 18.42
CA PRO C 125 28.59 18.62 19.31
C PRO C 125 28.97 19.00 20.74
N GLN C 126 29.23 20.26 21.03
CA GLN C 126 29.56 20.65 22.40
C GLN C 126 28.36 20.52 23.33
N ASP C 130 22.72 15.00 24.24
CA ASP C 130 21.63 14.09 23.91
C ASP C 130 21.40 14.01 22.40
N PRO C 131 22.35 13.42 21.67
CA PRO C 131 22.20 13.32 20.21
C PRO C 131 21.08 12.39 19.77
N ALA C 132 20.67 11.45 20.64
CA ALA C 132 19.69 10.45 20.25
C ALA C 132 18.38 11.09 19.81
N GLY C 133 17.78 11.91 20.67
CA GLY C 133 16.50 12.51 20.36
C GLY C 133 16.55 13.43 19.15
N PHE C 134 17.72 14.04 18.89
CA PHE C 134 17.82 14.97 17.77
C PHE C 134 17.91 14.24 16.44
N ARG C 135 18.61 13.10 16.39
CA ARG C 135 18.66 12.32 15.16
C ARG C 135 17.29 11.74 14.83
N GLU C 136 16.43 11.54 15.83
CA GLU C 136 15.09 11.02 15.58
C GLU C 136 14.20 12.07 14.92
N LYS C 137 14.25 13.31 15.41
CA LYS C 137 13.38 14.38 14.94
C LYS C 137 13.89 15.04 13.66
N VAL C 138 14.80 14.40 12.92
CA VAL C 138 15.26 14.96 11.66
C VAL C 138 14.12 14.97 10.66
N ASP C 139 13.87 16.13 10.07
CA ASP C 139 12.75 16.30 9.15
C ASP C 139 13.08 15.70 7.80
N VAL C 140 12.21 14.79 7.33
CA VAL C 140 12.35 14.18 6.02
C VAL C 140 11.39 14.80 5.02
N GLY C 141 10.12 14.95 5.40
CA GLY C 141 9.14 15.52 4.48
C GLY C 141 9.25 17.01 4.31
N GLY C 142 9.77 17.71 5.31
CA GLY C 142 9.93 19.15 5.25
C GLY C 142 10.81 19.60 4.11
N PRO C 143 12.07 19.14 4.09
CA PRO C 143 12.96 19.50 2.96
C PRO C 143 12.40 19.12 1.60
N ALA C 144 11.70 17.99 1.51
CA ALA C 144 11.10 17.61 0.23
C ALA C 144 10.07 18.63 -0.22
N MET C 145 9.25 19.11 0.72
CA MET C 145 8.25 20.13 0.37
C MET C 145 8.90 21.43 -0.08
N LEU C 146 9.91 21.89 0.68
CA LEU C 146 10.52 23.19 0.38
C LEU C 146 11.37 23.12 -0.89
N ARG C 147 12.18 22.07 -1.04
CA ARG C 147 12.97 21.92 -2.26
C ARG C 147 12.07 21.77 -3.48
N GLY C 148 10.96 21.04 -3.33
CA GLY C 148 10.00 20.94 -4.42
C GLY C 148 9.38 22.29 -4.76
N ALA C 149 9.07 23.08 -3.73
CA ALA C 149 8.52 24.42 -3.98
C ALA C 149 9.54 25.31 -4.66
N ALA C 150 10.78 25.32 -4.17
CA ALA C 150 11.80 26.19 -4.75
C ALA C 150 12.13 25.78 -6.19
N LYS C 151 12.15 24.48 -6.47
CA LYS C 151 12.38 24.02 -7.83
C LYS C 151 11.24 24.44 -8.76
N ASN C 152 10.02 24.51 -8.23
CA ASN C 152 8.86 24.95 -9.02
C ASN C 152 8.40 26.32 -8.56
N PHE C 153 9.34 27.26 -8.43
CA PHE C 153 9.05 28.55 -7.82
C PHE C 153 8.09 29.41 -8.64
N GLU C 154 7.94 29.12 -9.94
CA GLU C 154 6.98 29.87 -10.74
C GLU C 154 5.55 29.64 -10.27
N HIS C 155 5.26 28.47 -9.71
CA HIS C 155 3.90 28.08 -9.38
C HIS C 155 3.68 27.80 -7.90
N VAL C 156 4.73 27.74 -7.10
CA VAL C 156 4.61 27.54 -5.66
C VAL C 156 5.52 28.55 -4.97
N ILE C 157 4.95 29.35 -4.08
CA ILE C 157 5.72 30.33 -3.31
C ILE C 157 6.46 29.58 -2.20
N PRO C 158 7.80 29.56 -2.22
CA PRO C 158 8.54 28.91 -1.12
C PRO C 158 9.02 29.91 -0.09
N LEU C 159 8.49 29.80 1.13
CA LEU C 159 8.84 30.71 2.21
C LEU C 159 9.60 29.96 3.29
N SER C 160 10.61 30.60 3.86
CA SER C 160 11.38 30.02 4.95
C SER C 160 11.80 31.09 5.94
N ASP C 161 12.41 32.16 5.46
CA ASP C 161 12.86 33.25 6.32
C ASP C 161 11.65 34.04 6.84
N PRO C 162 11.42 34.10 8.16
CA PRO C 162 10.31 34.89 8.68
C PRO C 162 10.38 36.38 8.33
N ASP C 163 11.56 36.89 7.96
CA ASP C 163 11.68 38.27 7.54
C ASP C 163 11.09 38.53 6.16
N ASP C 164 10.66 37.48 5.44
CA ASP C 164 10.06 37.63 4.13
C ASP C 164 8.55 37.46 4.13
N TYR C 165 7.96 37.04 5.25
CA TYR C 165 6.52 36.80 5.30
C TYR C 165 5.74 38.07 4.96
N ASP C 166 6.08 39.19 5.60
CA ASP C 166 5.31 40.41 5.46
C ASP C 166 5.34 40.93 4.03
N ASP C 167 6.51 40.92 3.39
CA ASP C 167 6.59 41.41 2.02
C ASP C 167 5.78 40.54 1.06
N VAL C 168 5.73 39.23 1.31
CA VAL C 168 4.91 38.35 0.48
C VAL C 168 3.43 38.58 0.74
N LEU C 169 3.08 38.84 2.00
CA LEU C 169 1.68 39.10 2.34
C LEU C 169 1.16 40.37 1.67
N LYS C 170 1.99 41.41 1.61
CA LYS C 170 1.56 42.67 1.02
C LYS C 170 1.35 42.53 -0.49
N LEU C 171 2.27 41.85 -1.16
CA LEU C 171 2.11 41.65 -2.61
C LEU C 171 0.83 40.88 -2.91
N LEU C 172 0.48 39.93 -2.05
CA LEU C 172 -0.73 39.13 -2.28
C LEU C 172 -1.99 39.97 -2.13
N GLU C 173 -2.07 40.77 -1.05
CA GLU C 173 -3.27 41.58 -0.85
C GLU C 173 -3.38 42.70 -1.88
N GLN C 174 -2.25 43.35 -2.19
CA GLN C 174 -2.27 44.37 -3.25
C GLN C 174 -2.72 43.77 -4.58
N GLY C 175 -2.40 42.51 -4.82
CA GLY C 175 -2.79 41.80 -6.02
C GLY C 175 -4.13 41.08 -5.93
N GLY C 176 -4.90 41.31 -4.88
CA GLY C 176 -6.20 40.69 -4.78
C GLY C 176 -6.18 39.22 -4.40
N GLY C 177 -5.13 38.78 -3.72
CA GLY C 177 -5.03 37.41 -3.26
C GLY C 177 -4.53 36.42 -4.28
N LEU C 178 -4.24 36.84 -5.51
CA LEU C 178 -3.80 35.89 -6.53
C LEU C 178 -2.30 35.64 -6.41
N PRO C 179 -1.87 34.39 -6.54
CA PRO C 179 -0.43 34.09 -6.46
C PRO C 179 0.40 34.77 -7.54
N SER C 180 -0.19 35.10 -8.69
CA SER C 180 0.55 35.79 -9.74
C SER C 180 0.99 37.19 -9.32
N ALA C 181 0.43 37.74 -8.23
CA ALA C 181 0.87 39.04 -7.76
C ALA C 181 2.31 39.02 -7.24
N VAL C 182 2.79 37.86 -6.82
CA VAL C 182 4.19 37.71 -6.40
C VAL C 182 5.02 37.50 -7.65
N PRO C 183 5.89 38.44 -8.01
CA PRO C 183 6.60 38.35 -9.30
C PRO C 183 7.59 37.19 -9.34
N VAL C 184 7.94 36.80 -10.57
CA VAL C 184 8.87 35.69 -10.76
C VAL C 184 10.23 36.03 -10.16
N GLU C 185 10.65 37.28 -10.27
CA GLU C 185 11.94 37.69 -9.72
C GLU C 185 11.98 37.53 -8.21
N ARG C 186 10.88 37.87 -7.53
CA ARG C 186 10.81 37.66 -6.09
C ARG C 186 10.80 36.17 -5.76
N ARG C 187 10.04 35.38 -6.54
CA ARG C 187 10.03 33.93 -6.32
C ARG C 187 11.41 33.33 -6.46
N LEU C 188 12.19 33.83 -7.44
CA LEU C 188 13.54 33.33 -7.64
C LEU C 188 14.43 33.60 -6.42
N ALA C 189 14.29 34.79 -5.82
CA ALA C 189 15.07 35.11 -4.62
C ALA C 189 14.68 34.21 -3.46
N LEU C 190 13.39 33.85 -3.36
CA LEU C 190 12.96 32.97 -2.29
C LEU C 190 13.45 31.54 -2.54
N ALA C 191 13.48 31.10 -3.80
CA ALA C 191 13.96 29.76 -4.11
C ALA C 191 15.44 29.61 -3.77
N GLU C 192 16.23 30.66 -4.01
CA GLU C 192 17.65 30.61 -3.69
C GLU C 192 17.86 30.41 -2.18
N LYS C 193 17.13 31.18 -1.36
CA LYS C 193 17.28 31.07 0.08
C LYS C 193 16.72 29.75 0.60
N ALA C 194 15.68 29.22 -0.05
CA ALA C 194 15.12 27.94 0.38
C ALA C 194 16.14 26.81 0.25
N PHE C 195 16.90 26.79 -0.85
CA PHE C 195 17.93 25.77 -0.98
C PHE C 195 19.10 26.07 -0.04
N ARG C 196 19.41 27.34 0.20
CA ARG C 196 20.45 27.67 1.15
C ARG C 196 20.08 27.23 2.57
N ILE C 197 18.80 27.37 2.93
CA ILE C 197 18.39 26.95 4.26
C ILE C 197 18.27 25.43 4.34
N SER C 198 17.93 24.77 3.23
CA SER C 198 17.86 23.31 3.25
C SER C 198 19.25 22.69 3.33
N GLY C 199 20.24 23.32 2.70
CA GLY C 199 21.60 22.81 2.77
C GLY C 199 22.23 23.00 4.13
N ALA C 200 22.05 24.18 4.73
CA ALA C 200 22.60 24.42 6.06
C ALA C 200 21.99 23.49 7.10
N TYR C 201 20.72 23.12 6.92
CA TYR C 201 20.09 22.17 7.83
C TYR C 201 20.74 20.80 7.73
N ASP C 202 20.92 20.29 6.52
CA ASP C 202 21.53 18.98 6.34
C ASP C 202 22.98 18.97 6.82
N ALA C 203 23.70 20.07 6.60
CA ALA C 203 25.08 20.16 7.09
C ALA C 203 25.13 20.03 8.60
N SER C 204 24.26 20.74 9.32
CA SER C 204 24.22 20.61 10.77
C SER C 204 23.74 19.23 11.20
N VAL C 205 22.86 18.61 10.42
CA VAL C 205 22.46 17.25 10.70
C VAL C 205 23.64 16.30 10.54
N ALA C 206 24.47 16.53 9.51
CA ALA C 206 25.62 15.68 9.28
C ALA C 206 26.64 15.82 10.41
N GLU C 207 26.93 17.06 10.82
CA GLU C 207 27.95 17.27 11.85
C GLU C 207 27.53 16.70 13.20
N LEU C 208 26.22 16.70 13.50
CA LEU C 208 25.76 16.08 14.73
C LEU C 208 25.88 14.57 14.67
N PHE C 209 25.84 13.99 13.47
CA PHE C 209 26.01 12.54 13.31
C PHE C 209 27.44 12.08 13.56
N GLY C 210 28.39 13.00 13.67
CA GLY C 210 29.78 12.64 13.92
C GLY C 210 30.14 12.56 15.39
N SER D 19 -6.87 -12.09 24.76
CA SER D 19 -7.51 -12.53 26.00
C SER D 19 -9.00 -12.77 25.81
N HIS D 20 -9.69 -11.74 25.30
CA HIS D 20 -11.12 -11.87 25.04
C HIS D 20 -11.37 -12.81 23.87
N MET D 21 -12.46 -13.57 23.96
CA MET D 21 -12.96 -14.28 22.78
C MET D 21 -13.61 -13.28 21.83
N LEU D 22 -13.43 -13.52 20.52
CA LEU D 22 -13.80 -12.55 19.51
C LEU D 22 -14.74 -13.19 18.49
N ALA D 23 -15.89 -12.57 18.28
CA ALA D 23 -16.81 -12.96 17.23
C ALA D 23 -16.95 -11.82 16.23
N VAL D 24 -17.07 -12.18 14.96
CA VAL D 24 -17.23 -11.22 13.87
C VAL D 24 -18.57 -11.47 13.21
N LEU D 25 -19.41 -10.43 13.16
CA LEU D 25 -20.79 -10.54 12.70
C LEU D 25 -20.96 -9.67 11.46
N ALA D 26 -21.33 -10.30 10.35
CA ALA D 26 -21.53 -9.58 9.09
C ALA D 26 -22.55 -10.37 8.27
N VAL D 27 -23.83 -10.10 8.50
CA VAL D 27 -24.90 -10.90 7.92
C VAL D 27 -25.77 -10.02 7.04
N SER D 28 -26.12 -10.55 5.86
CA SER D 28 -27.15 -9.94 5.04
C SER D 28 -28.53 -10.27 5.59
N ASP D 29 -28.81 -11.56 5.78
CA ASP D 29 -29.99 -12.01 6.50
C ASP D 29 -29.76 -11.78 7.99
N LYS D 30 -30.48 -10.83 8.57
CA LYS D 30 -30.25 -10.40 9.94
C LYS D 30 -31.18 -11.06 10.94
N ARG D 31 -31.81 -12.17 10.56
CA ARG D 31 -32.68 -12.88 11.50
C ARG D 31 -31.86 -13.50 12.62
N ASN D 32 -32.31 -13.31 13.86
CA ASN D 32 -31.72 -13.85 15.07
C ASN D 32 -30.31 -13.31 15.37
N ILE D 33 -29.83 -12.32 14.61
CA ILE D 33 -28.51 -11.77 14.90
C ILE D 33 -28.53 -10.97 16.19
N GLU D 34 -29.69 -10.45 16.60
CA GLU D 34 -29.74 -9.71 17.86
C GLU D 34 -29.60 -10.63 19.06
N PRO D 35 -30.36 -11.73 19.20
CA PRO D 35 -30.10 -12.65 20.33
C PRO D 35 -28.72 -13.29 20.28
N LEU D 36 -28.14 -13.48 19.09
CA LEU D 36 -26.79 -14.03 19.02
C LEU D 36 -25.76 -13.06 19.60
N ALA D 37 -25.79 -11.81 19.15
CA ALA D 37 -24.87 -10.81 19.68
C ALA D 37 -25.10 -10.57 21.16
N ALA D 38 -26.35 -10.56 21.60
CA ALA D 38 -26.65 -10.39 23.01
C ALA D 38 -26.13 -11.55 23.84
N GLY D 39 -26.31 -12.78 23.34
CA GLY D 39 -25.82 -13.94 24.08
C GLY D 39 -24.31 -13.97 24.18
N LEU D 40 -23.61 -13.57 23.11
CA LEU D 40 -22.15 -13.58 23.14
C LEU D 40 -21.61 -12.52 24.08
N LEU D 41 -22.18 -11.30 24.03
CA LEU D 41 -21.77 -10.25 24.96
C LEU D 41 -22.03 -10.68 26.40
N ARG D 42 -23.11 -11.41 26.63
CA ARG D 42 -23.42 -11.92 27.97
C ARG D 42 -22.36 -12.90 28.44
N LEU D 43 -21.80 -13.68 27.52
CA LEU D 43 -20.76 -14.66 27.85
C LEU D 43 -19.36 -14.03 27.94
N GLY D 44 -19.26 -12.71 27.86
CA GLY D 44 -17.98 -12.02 27.96
C GLY D 44 -17.23 -11.83 26.66
N TRP D 45 -17.81 -12.25 25.54
CA TRP D 45 -17.12 -12.12 24.27
C TRP D 45 -17.02 -10.67 23.83
N ARG D 46 -15.98 -10.39 23.04
CA ARG D 46 -15.98 -9.20 22.21
C ARG D 46 -16.76 -9.50 20.94
N VAL D 47 -17.60 -8.55 20.53
CA VAL D 47 -18.41 -8.71 19.33
C VAL D 47 -18.14 -7.52 18.41
N ALA D 48 -17.63 -7.80 17.22
CA ALA D 48 -17.37 -6.79 16.21
C ALA D 48 -18.29 -7.03 15.02
N ALA D 49 -18.77 -5.94 14.42
CA ALA D 49 -19.72 -6.07 13.30
C ALA D 49 -19.49 -4.93 12.31
N THR D 50 -19.97 -5.13 11.09
CA THR D 50 -19.92 -4.16 10.01
C THR D 50 -21.28 -3.49 9.87
N GLU D 51 -21.31 -2.49 8.98
CA GLU D 51 -22.50 -2.08 8.24
C GLU D 51 -23.73 -1.88 9.12
N GLY D 52 -24.92 -2.24 8.62
CA GLY D 52 -26.11 -2.16 9.44
C GLY D 52 -26.22 -3.27 10.47
N THR D 53 -25.38 -4.30 10.37
CA THR D 53 -25.30 -5.26 11.46
C THR D 53 -24.85 -4.55 12.73
N TYR D 54 -23.83 -3.71 12.62
CA TYR D 54 -23.39 -2.90 13.75
C TYR D 54 -24.46 -1.89 14.14
N ARG D 55 -25.01 -1.17 13.15
CA ARG D 55 -25.99 -0.13 13.46
C ARG D 55 -27.25 -0.71 14.11
N LEU D 56 -27.70 -1.88 13.64
CA LEU D 56 -28.85 -2.51 14.26
C LEU D 56 -28.56 -2.90 15.70
N LEU D 57 -27.39 -3.46 15.96
CA LEU D 57 -27.07 -3.94 17.31
C LEU D 57 -26.88 -2.79 18.28
N ARG D 58 -26.34 -1.66 17.83
CA ARG D 58 -26.20 -0.51 18.72
C ARG D 58 -27.55 0.14 19.00
N ASP D 59 -28.42 0.23 17.98
CA ASP D 59 -29.75 0.79 18.20
C ASP D 59 -30.57 -0.06 19.15
N ALA D 60 -30.30 -1.37 19.21
CA ALA D 60 -30.95 -2.25 20.17
C ALA D 60 -30.29 -2.23 21.54
N GLY D 61 -29.26 -1.41 21.73
CA GLY D 61 -28.63 -1.29 23.03
C GLY D 61 -27.56 -2.31 23.33
N HIS D 62 -26.88 -2.83 22.31
CA HIS D 62 -25.79 -3.77 22.49
C HIS D 62 -24.49 -3.09 22.10
N GLU D 63 -23.54 -3.05 23.03
CA GLU D 63 -22.26 -2.37 22.78
C GLU D 63 -21.34 -3.32 22.02
N VAL D 64 -21.55 -3.37 20.71
CA VAL D 64 -20.69 -4.11 19.81
C VAL D 64 -19.62 -3.18 19.29
N GLU D 65 -18.59 -3.73 18.64
CA GLU D 65 -17.53 -2.94 18.05
C GLU D 65 -17.73 -2.83 16.54
N ARG D 66 -17.19 -1.76 15.96
CA ARG D 66 -17.13 -1.62 14.52
C ARG D 66 -15.88 -2.33 14.00
N ILE D 67 -16.04 -3.13 12.95
CA ILE D 67 -14.90 -3.82 12.37
C ILE D 67 -13.89 -2.83 11.83
N ALA D 68 -14.34 -1.68 11.34
CA ALA D 68 -13.43 -0.67 10.83
C ALA D 68 -12.47 -0.18 11.93
N ASP D 69 -12.88 -0.27 13.19
CA ASP D 69 -12.09 0.23 14.30
C ASP D 69 -11.12 -0.81 14.88
N LEU D 70 -11.15 -2.05 14.38
CA LEU D 70 -10.20 -3.04 14.83
C LEU D 70 -8.78 -2.62 14.46
N ALA D 71 -7.83 -2.94 15.33
CA ALA D 71 -6.44 -2.53 15.15
C ALA D 71 -5.90 -2.98 13.80
N GLY D 72 -5.62 -2.01 12.92
CA GLY D 72 -4.98 -2.29 11.65
C GLY D 72 -5.92 -2.44 10.46
N VAL D 73 -7.24 -2.50 10.69
CA VAL D 73 -8.19 -2.72 9.61
C VAL D 73 -8.17 -1.52 8.65
N PRO D 74 -7.79 -1.73 7.39
CA PRO D 74 -7.74 -0.60 6.44
C PRO D 74 -9.13 -0.23 5.93
N THR D 75 -9.37 1.07 5.80
CA THR D 75 -10.67 1.58 5.39
C THR D 75 -10.69 2.13 3.97
N LEU D 76 -9.55 2.12 3.28
CA LEU D 76 -9.44 2.77 1.98
C LEU D 76 -10.31 2.08 0.94
N LEU D 77 -10.50 2.76 -0.19
CA LEU D 77 -11.34 2.28 -1.28
C LEU D 77 -12.76 1.99 -0.79
N GLY D 78 -13.29 2.88 0.04
CA GLY D 78 -14.65 2.74 0.53
C GLY D 78 -14.88 1.52 1.38
N GLY D 79 -13.86 1.08 2.12
CA GLY D 79 -13.98 -0.09 2.98
C GLY D 79 -14.11 -1.42 2.29
N ARG D 80 -13.68 -1.54 1.04
CA ARG D 80 -13.93 -2.79 0.30
C ARG D 80 -12.89 -3.86 0.60
N VAL D 81 -11.77 -3.50 1.19
CA VAL D 81 -10.74 -4.49 1.56
C VAL D 81 -10.59 -4.62 3.07
N LYS D 82 -11.57 -4.18 3.86
CA LYS D 82 -11.31 -4.09 5.28
C LYS D 82 -11.35 -5.43 6.00
N THR D 83 -11.91 -6.47 5.38
CA THR D 83 -11.81 -7.82 5.92
C THR D 83 -10.91 -8.72 5.06
N LEU D 84 -10.16 -8.15 4.11
CA LEU D 84 -9.36 -8.93 3.18
C LEU D 84 -7.87 -8.82 3.43
N THR D 85 -7.45 -8.39 4.62
CA THR D 85 -6.04 -8.28 4.95
C THR D 85 -5.75 -9.05 6.24
N VAL D 86 -4.54 -8.89 6.77
CA VAL D 86 -4.06 -9.78 7.83
C VAL D 86 -4.80 -9.55 9.14
N SER D 87 -5.35 -8.36 9.35
CA SER D 87 -6.01 -8.07 10.62
C SER D 87 -7.22 -8.97 10.84
N VAL D 88 -8.04 -9.16 9.81
CA VAL D 88 -9.21 -10.02 9.91
C VAL D 88 -8.91 -11.43 9.43
N MET D 89 -8.26 -11.56 8.26
CA MET D 89 -8.00 -12.88 7.70
C MET D 89 -6.92 -13.62 8.49
N GLY D 90 -5.96 -12.90 9.06
CA GLY D 90 -4.96 -13.55 9.89
C GLY D 90 -5.54 -14.17 11.14
N GLY D 91 -6.41 -13.43 11.84
CA GLY D 91 -7.10 -13.98 12.98
C GLY D 91 -7.99 -15.17 12.65
N ILE D 92 -8.39 -15.30 11.40
CA ILE D 92 -9.21 -16.42 10.96
C ILE D 92 -8.36 -17.58 10.48
N LEU D 93 -7.34 -17.31 9.67
CA LEU D 93 -6.60 -18.36 8.99
C LEU D 93 -5.41 -18.87 9.79
N ALA D 94 -5.00 -18.17 10.85
CA ALA D 94 -3.86 -18.61 11.64
C ALA D 94 -4.11 -19.98 12.25
N ARG D 95 -3.11 -20.85 12.15
CA ARG D 95 -3.21 -22.16 12.78
C ARG D 95 -2.86 -22.06 14.26
N GLU D 96 -3.25 -23.09 15.01
CA GLU D 96 -2.89 -23.16 16.42
C GLU D 96 -1.46 -23.65 16.64
N THR D 97 -0.54 -23.27 15.75
CA THR D 97 0.87 -23.55 15.93
C THR D 97 1.54 -22.40 16.65
N GLU D 98 2.61 -22.72 17.39
CA GLU D 98 3.28 -21.71 18.19
C GLU D 98 3.91 -20.62 17.33
N SER D 99 4.37 -20.96 16.13
CA SER D 99 4.94 -19.95 15.24
C SER D 99 3.87 -18.99 14.74
N ASP D 100 2.70 -19.51 14.38
CA ASP D 100 1.61 -18.65 13.90
C ASP D 100 1.10 -17.75 15.01
N LEU D 101 0.93 -18.29 16.23
CA LEU D 101 0.43 -17.49 17.33
C LEU D 101 1.45 -16.46 17.81
N ARG D 102 2.74 -16.77 17.65
CA ARG D 102 3.77 -15.79 17.99
C ARG D 102 3.71 -14.58 17.06
N GLU D 103 3.49 -14.83 15.77
CA GLU D 103 3.43 -13.74 14.81
C GLU D 103 2.17 -12.90 15.01
N MET D 104 1.05 -13.55 15.35
CA MET D 104 -0.18 -12.80 15.59
C MET D 104 -0.08 -11.97 16.86
N ALA D 105 0.58 -12.50 17.90
CA ALA D 105 0.85 -11.70 19.09
C ALA D 105 1.83 -10.59 18.78
N GLU D 106 2.83 -10.87 17.93
CA GLU D 106 3.80 -9.85 17.54
C GLU D 106 3.13 -8.67 16.85
N TYR D 107 2.07 -8.92 16.08
CA TYR D 107 1.37 -7.87 15.35
C TYR D 107 0.14 -7.36 16.07
N GLY D 108 -0.19 -7.92 17.23
CA GLY D 108 -1.40 -7.52 17.92
C GLY D 108 -2.68 -7.95 17.22
N ILE D 109 -2.62 -9.03 16.45
CA ILE D 109 -3.77 -9.54 15.71
C ILE D 109 -4.44 -10.61 16.55
N PRO D 110 -5.61 -10.37 17.12
CA PRO D 110 -6.26 -11.38 17.95
C PRO D 110 -6.87 -12.48 17.11
N ARG D 111 -7.01 -13.65 17.72
CA ARG D 111 -7.69 -14.76 17.07
C ARG D 111 -9.19 -14.47 16.99
N ILE D 112 -9.79 -14.73 15.84
CA ILE D 112 -11.22 -14.60 15.67
C ILE D 112 -11.83 -15.98 15.90
N ASP D 113 -12.62 -16.10 16.97
CA ASP D 113 -13.14 -17.40 17.37
C ASP D 113 -14.46 -17.76 16.70
N LEU D 114 -15.19 -16.77 16.17
CA LEU D 114 -16.49 -17.04 15.57
C LEU D 114 -16.71 -16.07 14.43
N VAL D 115 -17.11 -16.61 13.28
CA VAL D 115 -17.48 -15.81 12.12
C VAL D 115 -18.93 -16.11 11.80
N CYS D 116 -19.79 -15.08 11.86
CA CYS D 116 -21.19 -15.19 11.48
C CYS D 116 -21.40 -14.37 10.23
N ASN D 117 -21.67 -15.02 9.12
CA ASN D 117 -21.69 -14.35 7.83
C ASN D 117 -22.59 -15.13 6.88
N ASN D 118 -23.52 -14.43 6.24
CA ASN D 118 -24.41 -15.03 5.24
C ASN D 118 -24.74 -13.99 4.18
N TYR D 119 -25.33 -14.45 3.08
CA TYR D 119 -25.68 -13.61 1.94
C TYR D 119 -27.07 -13.95 1.45
N TYR D 120 -27.68 -12.99 0.77
CA TYR D 120 -28.93 -13.23 0.05
C TYR D 120 -28.59 -13.69 -1.35
N LEU D 121 -29.15 -14.82 -1.75
CA LEU D 121 -29.01 -15.27 -3.14
C LEU D 121 -29.61 -14.22 -4.06
N LEU D 122 -28.88 -13.88 -5.12
CA LEU D 122 -29.37 -12.90 -6.06
C LEU D 122 -30.69 -13.37 -6.68
N PRO D 123 -31.57 -12.45 -7.05
CA PRO D 123 -32.86 -12.85 -7.63
C PRO D 123 -32.66 -13.67 -8.90
N GLU D 124 -33.60 -14.56 -9.14
CA GLU D 124 -33.56 -15.37 -10.35
C GLU D 124 -33.69 -14.47 -11.59
N PRO D 125 -32.97 -14.76 -12.67
CA PRO D 125 -33.03 -13.89 -13.85
C PRO D 125 -34.42 -13.86 -14.46
N GLN D 126 -34.94 -12.65 -14.65
CA GLN D 126 -36.25 -12.42 -15.23
C GLN D 126 -36.17 -11.26 -16.20
N PRO D 127 -36.99 -11.28 -17.27
CA PRO D 127 -37.04 -10.19 -18.26
C PRO D 127 -37.34 -8.83 -17.64
N ASP D 130 -32.23 -3.78 -15.97
CA ASP D 130 -32.83 -4.73 -15.03
C ASP D 130 -31.78 -5.44 -14.15
N PRO D 131 -30.75 -6.06 -14.73
CA PRO D 131 -29.67 -6.61 -13.90
C PRO D 131 -28.55 -5.62 -13.58
N ALA D 132 -28.70 -4.36 -13.98
CA ALA D 132 -27.70 -3.35 -13.67
C ALA D 132 -27.72 -3.03 -12.18
N GLY D 133 -26.54 -2.78 -11.63
CA GLY D 133 -26.40 -2.46 -10.22
C GLY D 133 -26.14 -3.66 -9.32
N PHE D 134 -26.55 -4.86 -9.73
CA PHE D 134 -26.31 -6.03 -8.90
C PHE D 134 -24.83 -6.37 -8.80
N ARG D 135 -24.09 -6.17 -9.90
CA ARG D 135 -22.69 -6.59 -9.94
C ARG D 135 -21.84 -5.81 -8.94
N GLU D 136 -22.07 -4.51 -8.82
CA GLU D 136 -21.22 -3.68 -7.96
C GLU D 136 -21.41 -3.96 -6.47
N LYS D 137 -22.46 -4.70 -6.08
CA LYS D 137 -22.71 -5.01 -4.68
C LYS D 137 -22.42 -6.47 -4.35
N VAL D 138 -21.68 -7.17 -5.22
CA VAL D 138 -21.31 -8.55 -4.96
C VAL D 138 -20.29 -8.61 -3.84
N ASP D 139 -20.56 -9.46 -2.84
CA ASP D 139 -19.69 -9.57 -1.67
C ASP D 139 -18.43 -10.35 -2.02
N VAL D 140 -17.28 -9.72 -1.86
CA VAL D 140 -15.98 -10.37 -2.07
C VAL D 140 -15.35 -10.77 -0.75
N GLY D 141 -15.25 -9.84 0.20
CA GLY D 141 -14.62 -10.14 1.47
C GLY D 141 -15.43 -11.08 2.34
N GLY D 142 -16.75 -11.06 2.18
CA GLY D 142 -17.63 -11.94 2.92
C GLY D 142 -17.28 -13.41 2.78
N PRO D 143 -17.39 -13.93 1.55
CA PRO D 143 -17.05 -15.36 1.34
C PRO D 143 -15.64 -15.73 1.76
N ALA D 144 -14.68 -14.81 1.70
CA ALA D 144 -13.33 -15.13 2.16
C ALA D 144 -13.31 -15.41 3.66
N MET D 145 -14.03 -14.60 4.44
CA MET D 145 -14.11 -14.82 5.88
C MET D 145 -14.76 -16.16 6.20
N LEU D 146 -15.90 -16.45 5.57
CA LEU D 146 -16.67 -17.63 5.93
C LEU D 146 -15.98 -18.90 5.43
N ARG D 147 -15.47 -18.90 4.20
CA ARG D 147 -14.73 -20.05 3.71
C ARG D 147 -13.45 -20.25 4.52
N GLY D 148 -12.79 -19.16 4.92
CA GLY D 148 -11.61 -19.28 5.74
C GLY D 148 -11.91 -19.84 7.11
N ALA D 149 -12.99 -19.36 7.73
CA ALA D 149 -13.40 -19.91 9.02
C ALA D 149 -13.79 -21.37 8.89
N ALA D 150 -14.50 -21.72 7.81
CA ALA D 150 -14.91 -23.11 7.62
C ALA D 150 -13.72 -24.00 7.31
N LYS D 151 -12.73 -23.49 6.57
CA LYS D 151 -11.51 -24.26 6.34
C LYS D 151 -10.76 -24.49 7.65
N ASN D 152 -10.76 -23.49 8.53
CA ASN D 152 -10.14 -23.58 9.85
C ASN D 152 -11.18 -23.89 10.93
N PHE D 153 -11.99 -24.92 10.68
CA PHE D 153 -13.19 -25.16 11.50
C PHE D 153 -12.87 -25.58 12.92
N GLU D 154 -11.68 -26.12 13.19
CA GLU D 154 -11.35 -26.54 14.55
C GLU D 154 -11.05 -25.35 15.46
N HIS D 155 -10.68 -24.21 14.89
CA HIS D 155 -10.29 -23.06 15.68
C HIS D 155 -11.13 -21.82 15.42
N VAL D 156 -12.06 -21.86 14.47
CA VAL D 156 -13.00 -20.77 14.22
C VAL D 156 -14.37 -21.40 13.98
N ILE D 157 -15.38 -20.89 14.68
CA ILE D 157 -16.75 -21.38 14.51
C ILE D 157 -17.37 -20.70 13.30
N PRO D 158 -17.78 -21.44 12.27
CA PRO D 158 -18.38 -20.81 11.10
C PRO D 158 -19.91 -20.80 11.16
N LEU D 159 -20.50 -19.63 11.38
CA LEU D 159 -21.94 -19.47 11.48
C LEU D 159 -22.48 -18.77 10.23
N SER D 160 -23.64 -19.20 9.76
CA SER D 160 -24.26 -18.60 8.59
C SER D 160 -25.79 -18.74 8.63
N ASP D 161 -26.27 -19.86 9.16
CA ASP D 161 -27.70 -20.13 9.21
C ASP D 161 -28.29 -19.59 10.51
N PRO D 162 -29.23 -18.65 10.45
CA PRO D 162 -29.85 -18.15 11.69
C PRO D 162 -30.51 -19.23 12.53
N ASP D 163 -30.83 -20.40 11.96
CA ASP D 163 -31.42 -21.47 12.73
C ASP D 163 -30.39 -22.24 13.58
N ASP D 164 -29.11 -21.95 13.41
CA ASP D 164 -28.06 -22.57 14.21
C ASP D 164 -27.56 -21.69 15.34
N TYR D 165 -28.02 -20.43 15.41
CA TYR D 165 -27.47 -19.48 16.38
C TYR D 165 -27.71 -19.95 17.82
N ASP D 166 -28.87 -20.52 18.08
CA ASP D 166 -29.25 -20.85 19.46
C ASP D 166 -28.48 -22.06 19.98
N ASP D 167 -28.27 -23.07 19.13
CA ASP D 167 -27.54 -24.25 19.56
C ASP D 167 -26.08 -23.92 19.87
N VAL D 168 -25.45 -23.10 19.00
CA VAL D 168 -24.08 -22.65 19.28
C VAL D 168 -24.06 -21.84 20.57
N LEU D 169 -25.02 -20.93 20.74
CA LEU D 169 -25.10 -20.13 21.95
C LEU D 169 -25.30 -21.02 23.17
N LYS D 170 -26.20 -22.00 23.05
CA LYS D 170 -26.38 -22.99 24.11
C LYS D 170 -25.04 -23.66 24.40
N LEU D 171 -24.51 -24.41 23.44
CA LEU D 171 -23.27 -25.16 23.59
C LEU D 171 -22.18 -24.35 24.27
N LEU D 172 -22.10 -23.05 23.96
CA LEU D 172 -21.05 -22.21 24.53
C LEU D 172 -21.24 -22.02 26.03
N GLU D 173 -22.47 -21.71 26.47
CA GLU D 173 -22.70 -21.34 27.86
C GLU D 173 -22.49 -22.52 28.80
N GLN D 174 -22.80 -23.74 28.36
CA GLN D 174 -22.53 -24.91 29.18
C GLN D 174 -21.04 -25.01 29.53
N GLY D 175 -20.17 -24.94 28.52
CA GLY D 175 -18.74 -25.05 28.73
C GLY D 175 -18.07 -23.77 29.19
N GLY D 176 -18.84 -22.88 29.81
CA GLY D 176 -18.27 -21.68 30.40
C GLY D 176 -17.83 -20.62 29.41
N GLY D 177 -18.44 -20.59 28.23
CA GLY D 177 -18.13 -19.56 27.24
C GLY D 177 -16.89 -19.81 26.42
N LEU D 178 -16.34 -21.02 26.45
CA LEU D 178 -15.14 -21.27 25.65
C LEU D 178 -15.51 -22.01 24.36
N PRO D 179 -14.83 -21.71 23.26
CA PRO D 179 -15.20 -22.34 21.98
C PRO D 179 -14.99 -23.84 21.95
N SER D 180 -14.18 -24.39 22.85
CA SER D 180 -14.02 -25.84 22.91
C SER D 180 -15.32 -26.56 23.24
N ALA D 181 -16.32 -25.83 23.75
CA ALA D 181 -17.61 -26.44 24.05
C ALA D 181 -18.41 -26.77 22.79
N VAL D 182 -18.02 -26.21 21.64
CA VAL D 182 -18.62 -26.57 20.36
C VAL D 182 -17.79 -27.70 19.76
N PRO D 183 -18.32 -28.93 19.68
CA PRO D 183 -17.50 -30.06 19.26
C PRO D 183 -17.13 -30.00 17.79
N VAL D 184 -16.09 -30.76 17.44
CA VAL D 184 -15.60 -30.80 16.06
C VAL D 184 -16.70 -31.23 15.12
N GLU D 185 -17.52 -32.21 15.54
CA GLU D 185 -18.59 -32.69 14.68
C GLU D 185 -19.60 -31.58 14.36
N ARG D 186 -19.92 -30.76 15.36
CA ARG D 186 -20.81 -29.62 15.12
C ARG D 186 -20.16 -28.61 14.19
N ARG D 187 -18.87 -28.31 14.42
CA ARG D 187 -18.15 -27.44 13.50
C ARG D 187 -18.07 -28.03 12.10
N LEU D 188 -17.98 -29.35 12.00
CA LEU D 188 -17.96 -30.01 10.70
C LEU D 188 -19.28 -29.81 9.97
N ALA D 189 -20.40 -29.87 10.69
CA ALA D 189 -21.69 -29.63 10.06
C ALA D 189 -21.88 -28.17 9.70
N LEU D 190 -21.30 -27.26 10.48
CA LEU D 190 -21.39 -25.84 10.16
C LEU D 190 -20.51 -25.48 8.96
N ALA D 191 -19.34 -26.10 8.84
CA ALA D 191 -18.49 -25.84 7.68
C ALA D 191 -19.17 -26.27 6.39
N GLU D 192 -19.94 -27.35 6.43
CA GLU D 192 -20.69 -27.79 5.25
C GLU D 192 -21.65 -26.70 4.79
N LYS D 193 -22.45 -26.15 5.72
CA LYS D 193 -23.40 -25.11 5.35
C LYS D 193 -22.70 -23.85 4.87
N ALA D 194 -21.53 -23.54 5.43
CA ALA D 194 -20.80 -22.36 5.01
C ALA D 194 -20.42 -22.42 3.53
N PHE D 195 -19.78 -23.52 3.11
CA PHE D 195 -19.43 -23.67 1.71
C PHE D 195 -20.67 -23.87 0.84
N ARG D 196 -21.74 -24.45 1.39
CA ARG D 196 -22.96 -24.62 0.61
C ARG D 196 -23.59 -23.28 0.26
N ILE D 197 -23.69 -22.37 1.24
CA ILE D 197 -24.24 -21.06 0.97
C ILE D 197 -23.27 -20.22 0.13
N SER D 198 -21.96 -20.49 0.28
CA SER D 198 -20.98 -19.76 -0.53
C SER D 198 -21.08 -20.14 -2.00
N GLY D 199 -21.22 -21.44 -2.29
CA GLY D 199 -21.38 -21.87 -3.67
C GLY D 199 -22.69 -21.43 -4.28
N ALA D 200 -23.79 -21.58 -3.53
CA ALA D 200 -25.08 -21.16 -4.04
C ALA D 200 -25.13 -19.67 -4.32
N TYR D 201 -24.40 -18.87 -3.52
CA TYR D 201 -24.31 -17.44 -3.79
C TYR D 201 -23.57 -17.17 -5.09
N ASP D 202 -22.45 -17.86 -5.32
CA ASP D 202 -21.70 -17.66 -6.55
C ASP D 202 -22.47 -18.15 -7.77
N ALA D 203 -23.21 -19.25 -7.63
CA ALA D 203 -24.01 -19.74 -8.74
C ALA D 203 -25.09 -18.74 -9.13
N SER D 204 -25.68 -18.05 -8.15
CA SER D 204 -26.70 -17.06 -8.45
C SER D 204 -26.08 -15.80 -9.07
N VAL D 205 -24.85 -15.47 -8.69
CA VAL D 205 -24.17 -14.34 -9.33
C VAL D 205 -23.83 -14.67 -10.78
N ALA D 206 -23.40 -15.91 -11.03
CA ALA D 206 -23.08 -16.33 -12.39
C ALA D 206 -24.33 -16.36 -13.26
N GLU D 207 -25.45 -16.85 -12.72
CA GLU D 207 -26.68 -16.91 -13.49
C GLU D 207 -27.19 -15.53 -13.87
N LEU D 208 -26.89 -14.51 -13.06
CA LEU D 208 -27.32 -13.16 -13.40
C LEU D 208 -26.36 -12.49 -14.37
N PHE D 209 -25.07 -12.87 -14.34
CA PHE D 209 -24.13 -12.38 -15.33
C PHE D 209 -24.56 -12.78 -16.74
N GLY D 210 -25.08 -14.00 -16.89
CA GLY D 210 -25.58 -14.46 -18.17
C GLY D 210 -27.10 -14.62 -18.18
#